data_6A7V
#
_entry.id   6A7V
#
_cell.length_a   50.555
_cell.length_b   127.007
_cell.length_c   151.207
_cell.angle_alpha   90.000
_cell.angle_beta   90.000
_cell.angle_gamma   90.000
#
_symmetry.space_group_name_H-M   'P 21 21 21'
#
loop_
_entity.id
_entity.type
_entity.pdbx_description
1 polymer 'Ribonuclease VapC11'
2 polymer 'Antitoxin VapB11'
3 non-polymer 'PENTAETHYLENE GLYCOL'
4 non-polymer 'SULFATE ION'
5 water water
#
loop_
_entity_poly.entity_id
_entity_poly.type
_entity_poly.pdbx_seq_one_letter_code
_entity_poly.pdbx_strand_id
1 'polypeptide(L)'
;HHHHASILIDTSAWVEYFRATGSIAAVEVRRLLSEEAARIAMCEPIAMEILSGALDDNTHTTLERLVNGLPSLNVDDAID
FRAAAGIYRAARRAGETVRSINDCLIAALAIRHGARIVHRDADFDVIARITNLQAASFR
;
A,C,E,G
2 'polypeptide(L)' SRTNIDIDDELAAEVMRRFGLTTKRAAVDLALRRLVGSPLSREFLLGLEGVGWEGDLDDLRS K,D,U,H
#
# COMPACT_ATOMS: atom_id res chain seq x y z
N ALA A 5 -2.60 16.33 17.23
CA ALA A 5 -1.49 15.40 17.62
C ALA A 5 -1.89 13.95 17.35
N SER A 6 -1.13 13.28 16.48
CA SER A 6 -1.41 11.89 16.12
C SER A 6 -1.21 10.96 17.31
N ILE A 7 -2.01 9.89 17.35
CA ILE A 7 -1.88 8.84 18.36
C ILE A 7 -1.48 7.54 17.68
N LEU A 8 -0.23 7.13 17.89
CA LEU A 8 0.27 5.82 17.45
C LEU A 8 -0.02 4.79 18.52
N ILE A 9 -0.77 3.76 18.17
CA ILE A 9 -1.00 2.65 19.07
C ILE A 9 0.08 1.60 18.79
N ASP A 10 0.85 1.26 19.83
CA ASP A 10 1.91 0.28 19.69
C ASP A 10 1.35 -1.13 19.48
N THR A 11 2.17 -1.99 18.88
CA THR A 11 1.82 -3.38 18.65
C THR A 11 1.37 -4.05 19.95
N SER A 12 1.99 -3.67 21.05
CA SER A 12 1.69 -4.30 22.33
C SER A 12 0.23 -4.05 22.71
N ALA A 13 -0.22 -2.81 22.53
CA ALA A 13 -1.60 -2.49 22.85
C ALA A 13 -2.60 -3.15 21.83
N TRP A 14 -2.17 -3.14 20.56
CA TRP A 14 -2.97 -3.66 19.50
C TRP A 14 -3.28 -5.14 19.78
N VAL A 15 -2.26 -5.88 20.15
CA VAL A 15 -2.43 -7.31 20.33
C VAL A 15 -3.45 -7.63 21.42
N GLU A 16 -3.43 -6.86 22.50
CA GLU A 16 -4.40 -6.98 23.56
C GLU A 16 -5.83 -6.83 23.04
N TYR A 17 -6.03 -5.82 22.21
CA TYR A 17 -7.30 -5.56 21.58
C TYR A 17 -7.75 -6.72 20.64
N PHE A 18 -6.80 -7.16 19.81
CA PHE A 18 -7.09 -8.20 18.87
C PHE A 18 -7.47 -9.47 19.59
N ARG A 19 -6.83 -9.78 20.71
CA ARG A 19 -7.15 -10.99 21.45
C ARG A 19 -8.30 -10.84 22.46
N ALA A 20 -8.83 -9.63 22.59
CA ALA A 20 -9.93 -9.33 23.51
C ALA A 20 -9.57 -9.81 24.90
N THR A 21 -8.40 -9.41 25.38
CA THR A 21 -7.92 -9.83 26.69
C THR A 21 -8.66 -9.17 27.84
N GLY A 22 -9.33 -8.06 27.57
CA GLY A 22 -10.01 -7.30 28.62
C GLY A 22 -9.06 -6.57 29.55
N SER A 23 -7.77 -6.53 29.21
CA SER A 23 -6.79 -5.79 29.98
C SER A 23 -7.09 -4.31 29.84
N ILE A 24 -6.51 -3.48 30.71
CA ILE A 24 -6.73 -2.06 30.58
C ILE A 24 -6.29 -1.58 29.19
N ALA A 25 -5.28 -2.21 28.61
CA ALA A 25 -4.77 -1.74 27.33
C ALA A 25 -5.80 -1.96 26.21
N ALA A 26 -6.43 -3.13 26.24
CA ALA A 26 -7.43 -3.47 25.25
C ALA A 26 -8.61 -2.49 25.30
N VAL A 27 -9.03 -2.22 26.54
CA VAL A 27 -10.15 -1.31 26.77
C VAL A 27 -9.77 0.10 26.29
N GLU A 28 -8.54 0.51 26.54
CA GLU A 28 -8.13 1.83 26.07
C GLU A 28 -8.10 1.90 24.57
N VAL A 29 -7.66 0.83 23.92
CA VAL A 29 -7.66 0.75 22.46
C VAL A 29 -9.08 0.91 21.93
N ARG A 30 -10.00 0.19 22.58
CA ARG A 30 -11.42 0.24 22.22
C ARG A 30 -11.94 1.68 22.30
N ARG A 31 -11.60 2.32 23.42
CA ARG A 31 -12.00 3.70 23.67
C ARG A 31 -11.49 4.64 22.57
N LEU A 32 -10.23 4.44 22.22
CA LEU A 32 -9.57 5.22 21.18
C LEU A 32 -10.32 5.05 19.84
N LEU A 33 -10.66 3.80 19.54
CA LEU A 33 -11.37 3.49 18.32
C LEU A 33 -12.75 4.14 18.28
N SER A 34 -13.41 4.17 19.42
CA SER A 34 -14.72 4.77 19.59
C SER A 34 -14.81 6.27 19.52
N GLU A 35 -13.90 6.93 20.24
CA GLU A 35 -13.97 8.35 20.53
C GLU A 35 -12.93 9.21 19.81
N GLU A 36 -11.79 8.64 19.46
CA GLU A 36 -10.71 9.42 18.83
C GLU A 36 -10.16 8.77 17.56
N ALA A 37 -11.03 8.11 16.80
CA ALA A 37 -10.62 7.37 15.60
C ALA A 37 -9.85 8.22 14.59
N ALA A 38 -10.23 9.49 14.43
CA ALA A 38 -9.60 10.38 13.45
C ALA A 38 -8.15 10.73 13.77
N ARG A 39 -7.73 10.55 15.03
CA ARG A 39 -6.36 10.85 15.44
C ARG A 39 -5.44 9.63 15.43
N ILE A 40 -5.99 8.43 15.19
CA ILE A 40 -5.20 7.22 15.25
C ILE A 40 -4.35 7.10 13.99
N ALA A 41 -3.07 6.82 14.18
CA ALA A 41 -2.13 6.67 13.07
C ALA A 41 -1.40 5.34 13.15
N MET A 42 -0.75 4.99 12.05
CA MET A 42 -0.01 3.76 11.91
C MET A 42 1.37 4.15 11.41
N CYS A 43 2.36 3.28 11.60
CA CYS A 43 3.63 3.41 10.91
C CYS A 43 4.04 2.04 10.44
N GLU A 44 4.98 2.03 9.50
CA GLU A 44 5.31 0.80 8.85
C GLU A 44 6.06 -0.20 9.72
N PRO A 45 6.84 0.22 10.71
CA PRO A 45 7.43 -0.77 11.59
C PRO A 45 6.36 -1.48 12.42
N ILE A 46 5.37 -0.73 12.89
CA ILE A 46 4.27 -1.36 13.61
C ILE A 46 3.47 -2.32 12.72
N ALA A 47 3.27 -1.86 11.49
CA ALA A 47 2.51 -2.59 10.48
C ALA A 47 3.15 -3.95 10.21
N MET A 48 4.47 -3.93 10.05
CA MET A 48 5.25 -5.13 9.80
C MET A 48 5.10 -6.12 10.95
N GLU A 49 5.13 -5.61 12.18
CA GLU A 49 4.98 -6.45 13.34
C GLU A 49 3.58 -7.10 13.37
N ILE A 50 2.59 -6.28 13.06
CA ILE A 50 1.20 -6.68 13.14
C ILE A 50 0.94 -7.78 12.11
N LEU A 51 1.41 -7.57 10.93
CA LEU A 51 1.14 -8.52 9.85
C LEU A 51 1.96 -9.76 10.05
N SER A 52 3.13 -9.67 10.70
CA SER A 52 3.98 -10.84 10.83
C SER A 52 3.32 -11.86 11.73
N GLY A 53 2.49 -11.42 12.68
CA GLY A 53 1.85 -12.34 13.61
C GLY A 53 0.43 -12.73 13.24
N ALA A 54 -0.03 -12.27 12.08
CA ALA A 54 -1.36 -12.60 11.58
C ALA A 54 -1.26 -13.79 10.62
N LEU A 55 -1.31 -14.99 11.18
CA LEU A 55 -1.05 -16.21 10.42
C LEU A 55 -2.30 -16.73 9.68
N ASP A 56 -3.46 -16.58 10.29
CA ASP A 56 -4.73 -16.91 9.63
C ASP A 56 -5.00 -15.96 8.47
N ASP A 57 -5.60 -16.48 7.39
CA ASP A 57 -5.73 -15.72 6.15
C ASP A 57 -6.69 -14.54 6.36
N ASN A 58 -7.83 -14.85 6.99
CA ASN A 58 -8.85 -13.84 7.24
C ASN A 58 -8.29 -12.74 8.13
N THR A 59 -7.60 -13.18 9.18
CA THR A 59 -7.01 -12.26 10.17
C THR A 59 -6.02 -11.34 9.47
N HIS A 60 -5.20 -11.92 8.60
CA HIS A 60 -4.19 -11.15 7.88
C HIS A 60 -4.88 -10.13 6.93
N THR A 61 -5.94 -10.54 6.27
CA THR A 61 -6.62 -9.66 5.39
C THR A 61 -7.24 -8.50 6.13
N THR A 62 -7.85 -8.79 7.24
CA THR A 62 -8.54 -7.74 7.93
CA THR A 62 -8.54 -7.81 8.06
C THR A 62 -7.56 -6.79 8.65
N LEU A 63 -6.48 -7.30 9.19
CA LEU A 63 -5.45 -6.45 9.73
C LEU A 63 -4.68 -5.70 8.67
N GLU A 64 -4.59 -6.26 7.49
CA GLU A 64 -4.03 -5.53 6.33
C GLU A 64 -4.91 -4.36 6.00
N ARG A 65 -6.21 -4.56 6.00
CA ARG A 65 -7.18 -3.49 5.75
C ARG A 65 -7.01 -2.38 6.79
N LEU A 66 -6.84 -2.74 8.06
CA LEU A 66 -6.64 -1.81 9.12
C LEU A 66 -5.36 -0.94 8.84
N VAL A 67 -4.29 -1.66 8.54
CA VAL A 67 -3.05 -0.97 8.33
C VAL A 67 -3.15 -0.07 7.09
N ASN A 68 -3.91 -0.43 6.06
CA ASN A 68 -3.96 0.36 4.89
C ASN A 68 -4.88 1.53 5.09
N GLY A 69 -5.81 1.45 6.03
CA GLY A 69 -6.84 2.48 6.20
C GLY A 69 -6.48 3.53 7.23
N LEU A 70 -5.41 3.33 7.98
CA LEU A 70 -4.95 4.34 8.93
C LEU A 70 -3.92 5.25 8.27
N PRO A 71 -3.95 6.56 8.59
CA PRO A 71 -2.90 7.46 8.11
C PRO A 71 -1.53 6.97 8.55
N SER A 72 -0.55 7.05 7.66
CA SER A 72 0.81 6.55 7.94
C SER A 72 1.75 7.67 8.33
N LEU A 73 2.53 7.45 9.39
CA LEU A 73 3.62 8.32 9.77
C LEU A 73 4.91 7.73 9.18
N ASN A 74 5.56 8.47 8.29
CA ASN A 74 6.63 7.89 7.49
C ASN A 74 7.89 7.55 8.30
N VAL A 75 8.63 6.55 7.81
CA VAL A 75 9.99 6.32 8.22
C VAL A 75 10.88 7.16 7.30
N ASP A 76 11.68 8.04 7.91
CA ASP A 76 12.67 8.81 7.18
C ASP A 76 13.97 8.04 7.28
N ASP A 77 14.32 7.39 6.18
CA ASP A 77 15.51 6.55 6.05
C ASP A 77 16.79 7.20 6.56
N ALA A 78 16.96 8.48 6.25
CA ALA A 78 18.22 9.18 6.54
C ALA A 78 18.46 9.48 8.03
N ILE A 79 17.41 9.45 8.84
CA ILE A 79 17.47 10.02 10.18
C ILE A 79 17.04 8.96 11.24
N ASP A 80 15.96 8.24 10.93
CA ASP A 80 15.19 7.56 11.97
C ASP A 80 16.03 6.39 12.55
N PHE A 81 16.71 5.65 11.71
CA PHE A 81 17.52 4.56 12.19
C PHE A 81 18.67 5.06 13.08
N ARG A 82 19.29 6.16 12.66
CA ARG A 82 20.33 6.78 13.45
C ARG A 82 19.82 7.21 14.82
N ALA A 83 18.63 7.79 14.81
CA ALA A 83 17.97 8.26 16.03
C ALA A 83 17.74 7.10 16.97
N ALA A 84 17.25 6.02 16.40
CA ALA A 84 16.95 4.80 17.18
C ALA A 84 18.22 4.27 17.80
N ALA A 85 19.30 4.24 17.01
CA ALA A 85 20.60 3.78 17.48
C ALA A 85 21.04 4.60 18.69
N GLY A 86 20.91 5.92 18.54
CA GLY A 86 21.28 6.89 19.57
C GLY A 86 20.53 6.59 20.85
N ILE A 87 19.23 6.38 20.69
CA ILE A 87 18.32 6.09 21.81
C ILE A 87 18.79 4.84 22.54
N TYR A 88 19.09 3.82 21.76
CA TYR A 88 19.53 2.53 22.28
C TYR A 88 20.80 2.73 23.14
N ARG A 89 21.72 3.49 22.55
CA ARG A 89 23.00 3.73 23.21
C ARG A 89 22.77 4.43 24.54
N ALA A 90 21.89 5.43 24.50
CA ALA A 90 21.60 6.22 25.71
C ALA A 90 21.00 5.33 26.78
N ALA A 91 20.12 4.43 26.36
CA ALA A 91 19.47 3.48 27.28
C ALA A 91 20.54 2.58 27.94
N ARG A 92 21.47 2.09 27.11
CA ARG A 92 22.48 1.21 27.64
C ARG A 92 23.36 1.98 28.63
N ARG A 93 23.70 3.21 28.31
CA ARG A 93 24.53 4.00 29.19
C ARG A 93 23.81 4.32 30.48
N ALA A 94 22.48 4.50 30.47
CA ALA A 94 21.74 4.70 31.66
C ALA A 94 21.62 3.45 32.52
N GLY A 95 22.18 2.31 32.13
CA GLY A 95 21.94 1.06 32.84
C GLY A 95 20.53 0.52 32.68
N GLU A 96 19.86 0.88 31.59
CA GLU A 96 18.54 0.36 31.27
C GLU A 96 18.67 -0.79 30.28
N THR A 97 17.62 -1.60 30.19
CA THR A 97 17.57 -2.67 29.20
C THR A 97 16.46 -2.37 28.17
N VAL A 98 16.79 -2.53 26.90
CA VAL A 98 15.81 -2.37 25.83
C VAL A 98 15.66 -3.72 25.16
N ARG A 99 14.45 -4.25 25.15
CA ARG A 99 14.21 -5.58 24.59
C ARG A 99 14.20 -5.60 23.06
N SER A 100 13.70 -4.53 22.44
CA SER A 100 13.61 -4.45 20.97
C SER A 100 14.15 -3.13 20.41
N ILE A 101 15.16 -3.23 19.54
CA ILE A 101 15.69 -2.10 18.82
C ILE A 101 14.63 -1.45 17.95
N ASN A 102 13.63 -2.19 17.49
CA ASN A 102 12.54 -1.60 16.73
C ASN A 102 11.63 -0.77 17.60
N ASP A 103 11.61 -0.99 18.92
CA ASP A 103 10.92 -0.04 19.80
C ASP A 103 11.62 1.31 19.79
N CYS A 104 12.93 1.35 19.71
CA CYS A 104 13.68 2.58 19.59
C CYS A 104 13.42 3.27 18.26
N LEU A 105 13.25 2.53 17.20
CA LEU A 105 12.92 3.06 15.90
C LEU A 105 11.55 3.73 15.92
N ILE A 106 10.60 3.01 16.48
CA ILE A 106 9.22 3.48 16.60
C ILE A 106 9.20 4.77 17.43
N ALA A 107 9.93 4.78 18.52
CA ALA A 107 9.95 5.97 19.37
C ALA A 107 10.60 7.13 18.67
N ALA A 108 11.65 6.89 17.89
CA ALA A 108 12.26 7.94 17.09
C ALA A 108 11.25 8.55 16.14
N LEU A 109 10.50 7.66 15.47
CA LEU A 109 9.49 8.06 14.52
C LEU A 109 8.46 8.98 15.20
N ALA A 110 8.05 8.53 16.37
CA ALA A 110 7.02 9.23 17.16
C ALA A 110 7.50 10.61 17.55
N ILE A 111 8.75 10.68 17.97
CA ILE A 111 9.33 11.95 18.41
C ILE A 111 9.41 12.90 17.20
N ARG A 112 9.80 12.35 16.05
CA ARG A 112 9.95 13.20 14.88
C ARG A 112 8.59 13.73 14.47
N HIS A 113 7.54 12.91 14.52
CA HIS A 113 6.24 13.34 14.09
C HIS A 113 5.49 14.15 15.12
N GLY A 114 5.97 14.18 16.37
CA GLY A 114 5.20 14.76 17.47
C GLY A 114 3.99 13.93 17.85
N ALA A 115 4.09 12.62 17.67
CA ALA A 115 2.99 11.70 17.93
C ALA A 115 3.17 11.10 19.30
N ARG A 116 2.06 10.82 19.98
CA ARG A 116 2.14 10.12 21.24
C ARG A 116 1.84 8.64 21.02
N ILE A 117 2.44 7.81 21.83
CA ILE A 117 2.36 6.37 21.68
C ILE A 117 1.65 5.73 22.87
N VAL A 118 0.63 4.92 22.56
CA VAL A 118 -0.14 4.19 23.54
C VAL A 118 0.34 2.75 23.49
N HIS A 119 0.76 2.23 24.65
CA HIS A 119 1.46 0.96 24.68
C HIS A 119 1.31 0.23 26.00
N ARG A 120 1.79 -1.01 26.01
CA ARG A 120 2.07 -1.72 27.24
C ARG A 120 3.40 -2.48 27.08
N ASP A 121 4.46 -1.70 26.89
CA ASP A 121 5.82 -2.22 26.76
C ASP A 121 6.81 -1.34 27.54
N ALA A 122 7.53 -1.95 28.49
CA ALA A 122 8.51 -1.31 29.32
C ALA A 122 9.53 -0.55 28.52
N ASP A 123 9.74 -0.93 27.25
CA ASP A 123 10.72 -0.24 26.41
C ASP A 123 10.32 1.23 26.27
N PHE A 124 9.04 1.53 26.04
CA PHE A 124 8.63 2.88 25.90
C PHE A 124 8.71 3.66 27.19
N ASP A 125 8.52 3.01 28.30
CA ASP A 125 8.76 3.62 29.64
C ASP A 125 10.23 4.01 29.77
N VAL A 126 11.13 3.09 29.38
CA VAL A 126 12.55 3.38 29.38
C VAL A 126 12.86 4.62 28.50
N ILE A 127 12.29 4.63 27.30
CA ILE A 127 12.65 5.62 26.33
C ILE A 127 12.09 6.98 26.71
N ALA A 128 10.94 7.06 27.38
CA ALA A 128 10.43 8.35 27.75
C ALA A 128 11.22 9.00 28.85
N ARG A 129 11.96 8.25 29.67
CA ARG A 129 12.89 8.85 30.60
C ARG A 129 14.02 9.57 29.87
N ILE A 130 14.52 9.04 28.76
CA ILE A 130 15.74 9.59 28.15
C ILE A 130 15.52 10.41 26.88
N THR A 131 14.25 10.66 26.55
CA THR A 131 13.87 11.44 25.38
C THR A 131 12.63 12.28 25.70
N ASN A 132 12.17 13.05 24.71
CA ASN A 132 10.91 13.79 24.79
C ASN A 132 9.71 12.97 24.27
N LEU A 133 9.85 11.65 24.24
CA LEU A 133 8.78 10.78 23.76
C LEU A 133 7.53 10.96 24.63
N GLN A 134 6.39 11.18 23.98
CA GLN A 134 5.11 11.27 24.65
C GLN A 134 4.51 9.87 24.66
N ALA A 135 4.66 9.15 25.77
CA ALA A 135 4.23 7.77 25.84
C ALA A 135 3.19 7.59 26.94
N ALA A 136 2.15 6.83 26.64
CA ALA A 136 1.09 6.54 27.58
C ALA A 136 1.06 5.04 27.83
N SER A 137 1.47 4.65 29.03
CA SER A 137 1.54 3.24 29.39
C SER A 137 0.20 2.78 29.96
N PHE A 138 -0.32 1.67 29.45
CA PHE A 138 -1.51 1.02 29.99
C PHE A 138 -1.17 -0.43 30.33
N ARG A 139 -0.08 -0.63 31.08
CA ARG A 139 0.39 -1.96 31.44
C ARG A 139 -0.40 -2.53 32.63
N SER B 1 -17.24 30.11 8.44
CA SER B 1 -17.59 31.40 7.79
C SER B 1 -19.06 31.42 7.35
N ARG B 2 -19.73 32.53 7.62
CA ARG B 2 -21.16 32.69 7.30
C ARG B 2 -21.35 32.75 5.79
N THR B 3 -22.11 31.80 5.24
CA THR B 3 -22.39 31.75 3.80
C THR B 3 -23.85 31.43 3.56
N ASN B 4 -24.43 32.13 2.58
CA ASN B 4 -25.80 31.84 2.13
C ASN B 4 -25.73 31.02 0.85
N ILE B 5 -26.02 29.73 0.96
CA ILE B 5 -26.10 28.85 -0.22
C ILE B 5 -27.37 28.02 -0.18
N ASP B 6 -27.89 27.69 -1.36
CA ASP B 6 -29.07 26.86 -1.50
C ASP B 6 -28.73 25.44 -1.04
N ILE B 7 -29.36 25.01 0.06
CA ILE B 7 -29.26 23.64 0.52
C ILE B 7 -30.67 23.09 0.57
N ASP B 8 -30.89 21.95 -0.09
CA ASP B 8 -32.20 21.31 -0.10
C ASP B 8 -32.61 21.03 1.34
N ASP B 9 -33.81 21.47 1.70
CA ASP B 9 -34.27 21.39 3.09
C ASP B 9 -34.32 19.92 3.51
N GLU B 10 -34.77 19.06 2.59
CA GLU B 10 -35.17 17.71 2.90
C GLU B 10 -33.98 16.79 3.08
N LEU B 11 -32.92 17.01 2.32
CA LEU B 11 -31.69 16.24 2.48
C LEU B 11 -31.07 16.50 3.86
N ALA B 12 -30.95 17.79 4.19
CA ALA B 12 -30.46 18.22 5.47
C ALA B 12 -31.32 17.62 6.58
N ALA B 13 -32.64 17.64 6.44
CA ALA B 13 -33.49 17.08 7.45
C ALA B 13 -33.25 15.59 7.66
N GLU B 14 -33.06 14.89 6.56
CA GLU B 14 -32.74 13.46 6.58
C GLU B 14 -31.42 13.21 7.34
N VAL B 15 -30.44 14.04 7.05
CA VAL B 15 -29.14 13.97 7.69
C VAL B 15 -29.32 14.11 9.23
N MET B 16 -30.10 15.14 9.58
CA MET B 16 -30.37 15.46 10.97
C MET B 16 -31.01 14.28 11.67
N ARG B 17 -31.98 13.66 11.00
CA ARG B 17 -32.69 12.52 11.53
C ARG B 17 -31.72 11.32 11.74
N ARG B 18 -30.91 11.04 10.73
CA ARG B 18 -30.02 9.92 10.81
C ARG B 18 -28.93 10.12 11.85
N PHE B 19 -28.39 11.33 12.01
CA PHE B 19 -27.29 11.51 12.96
C PHE B 19 -27.62 12.21 14.28
N GLY B 20 -28.90 12.49 14.50
CA GLY B 20 -29.35 13.07 15.77
C GLY B 20 -28.83 14.48 15.99
N LEU B 21 -28.81 15.28 14.91
CA LEU B 21 -28.33 16.65 14.96
C LEU B 21 -29.52 17.59 15.01
N THR B 22 -29.34 18.75 15.66
CA THR B 22 -30.45 19.69 15.88
C THR B 22 -30.48 20.85 14.88
N THR B 23 -29.45 20.99 14.06
CA THR B 23 -29.37 22.10 13.10
C THR B 23 -28.84 21.64 11.74
N LYS B 24 -29.23 22.39 10.70
CA LYS B 24 -28.80 22.09 9.35
C LYS B 24 -27.32 22.37 9.18
N ARG B 25 -26.82 23.41 9.84
CA ARG B 25 -25.41 23.75 9.75
C ARG B 25 -24.54 22.61 10.28
N ALA B 26 -24.97 22.05 11.41
CA ALA B 26 -24.25 20.92 12.01
C ALA B 26 -24.23 19.70 11.07
N ALA B 27 -25.38 19.47 10.46
CA ALA B 27 -25.60 18.36 9.54
C ALA B 27 -24.62 18.47 8.36
N VAL B 28 -24.60 19.65 7.80
CA VAL B 28 -23.75 19.94 6.63
C VAL B 28 -22.31 19.76 7.00
N ASP B 29 -21.94 20.26 8.21
CA ASP B 29 -20.56 20.12 8.69
C ASP B 29 -20.17 18.65 8.76
N LEU B 30 -21.08 17.85 9.33
CA LEU B 30 -20.83 16.43 9.51
C LEU B 30 -20.64 15.76 8.15
N ALA B 31 -21.51 16.12 7.20
CA ALA B 31 -21.44 15.53 5.87
C ALA B 31 -20.10 15.90 5.22
N LEU B 32 -19.63 17.14 5.40
CA LEU B 32 -18.39 17.52 4.79
C LEU B 32 -17.22 16.72 5.42
N ARG B 33 -17.31 16.59 6.71
CA ARG B 33 -16.21 15.97 7.48
C ARG B 33 -16.08 14.52 7.17
N ARG B 34 -17.22 13.83 7.00
CA ARG B 34 -17.19 12.42 6.61
C ARG B 34 -16.52 12.24 5.25
N LEU B 35 -16.78 13.13 4.28
CA LEU B 35 -16.07 13.11 3.04
C LEU B 35 -14.55 13.07 3.09
N VAL B 36 -13.93 13.68 4.10
CA VAL B 36 -12.46 13.72 4.17
C VAL B 36 -11.91 13.06 5.43
N GLY B 37 -12.76 12.30 6.13
CA GLY B 37 -12.37 11.63 7.36
C GLY B 37 -11.90 10.21 7.10
N SER B 38 -11.81 9.43 8.18
CA SER B 38 -11.31 8.05 8.15
C SER B 38 -12.10 7.15 7.18
N PRO B 39 -11.40 6.33 6.38
CA PRO B 39 -12.09 5.36 5.53
C PRO B 39 -12.59 4.11 6.30
N LEU B 40 -12.12 3.92 7.54
CA LEU B 40 -12.53 2.78 8.34
C LEU B 40 -13.71 3.14 9.21
N SER B 41 -14.83 2.42 9.03
CA SER B 41 -16.04 2.69 9.79
C SER B 41 -15.87 2.30 11.25
N ARG B 42 -16.63 2.95 12.11
CA ARG B 42 -16.65 2.61 13.52
C ARG B 42 -16.92 1.11 13.69
N GLU B 43 -17.88 0.62 12.89
CA GLU B 43 -18.34 -0.75 13.02
C GLU B 43 -17.21 -1.71 12.71
N PHE B 44 -16.44 -1.41 11.67
CA PHE B 44 -15.33 -2.27 11.28
C PHE B 44 -14.26 -2.27 12.39
N LEU B 45 -14.03 -1.09 12.92
CA LEU B 45 -12.94 -0.89 13.89
C LEU B 45 -13.28 -1.64 15.17
N LEU B 46 -14.48 -1.52 15.63
CA LEU B 46 -14.91 -2.22 16.84
C LEU B 46 -15.03 -3.69 16.59
N GLY B 47 -15.35 -4.14 15.40
CA GLY B 47 -15.41 -5.53 15.04
C GLY B 47 -14.08 -6.21 15.11
N LEU B 48 -12.97 -5.48 15.17
CA LEU B 48 -11.65 -6.11 15.26
C LEU B 48 -11.34 -6.68 16.64
N GLU B 49 -12.05 -6.25 17.68
CA GLU B 49 -11.80 -6.77 19.01
C GLU B 49 -12.17 -8.25 19.06
N GLY B 50 -11.19 -9.08 19.39
CA GLY B 50 -11.38 -10.53 19.43
C GLY B 50 -11.13 -11.23 18.11
N VAL B 51 -10.70 -10.51 17.08
CA VAL B 51 -10.39 -11.11 15.79
C VAL B 51 -9.30 -12.16 15.92
N GLY B 52 -8.39 -11.95 16.87
CA GLY B 52 -7.34 -12.91 17.16
C GLY B 52 -6.01 -12.39 16.64
N TRP B 53 -4.94 -12.93 17.21
CA TRP B 53 -3.59 -12.63 16.74
C TRP B 53 -2.69 -13.74 17.27
N GLU B 54 -2.31 -14.65 16.38
CA GLU B 54 -1.72 -15.93 16.78
C GLU B 54 -0.20 -15.95 16.80
N GLY B 55 0.43 -14.85 16.40
CA GLY B 55 1.89 -14.72 16.49
C GLY B 55 2.34 -14.53 17.92
N ASP B 56 3.65 -14.38 18.12
CA ASP B 56 4.21 -14.18 19.44
C ASP B 56 5.04 -12.91 19.44
N LEU B 57 4.57 -11.89 20.16
CA LEU B 57 5.26 -10.59 20.18
C LEU B 57 6.66 -10.68 20.80
N ASP B 58 6.86 -11.68 21.67
CA ASP B 58 8.18 -11.98 22.23
C ASP B 58 9.19 -12.36 21.14
N ASP B 59 8.75 -13.15 20.16
CA ASP B 59 9.62 -13.53 19.04
C ASP B 59 10.05 -12.31 18.22
N LEU B 60 9.11 -11.40 17.97
CA LEU B 60 9.39 -10.19 17.20
C LEU B 60 10.26 -9.20 17.98
N ARG B 61 10.14 -9.23 19.30
CA ARG B 61 10.83 -8.27 20.17
C ARG B 61 11.84 -8.96 21.11
N SER B 62 11.35 -9.58 22.18
CA SER B 62 12.22 -10.16 23.21
C SER B 62 12.87 -11.45 22.71
N HIS C 1 21.33 -0.21 -18.15
CA HIS C 1 22.54 0.07 -18.99
C HIS C 1 23.83 -0.11 -18.17
N HIS C 2 23.99 0.71 -17.12
CA HIS C 2 25.18 0.67 -16.28
C HIS C 2 24.93 -0.23 -15.06
N HIS C 3 25.27 -1.50 -15.18
CA HIS C 3 25.06 -2.47 -14.11
C HIS C 3 26.02 -2.25 -12.95
N HIS C 4 25.56 -2.54 -11.74
CA HIS C 4 26.43 -2.54 -10.57
C HIS C 4 25.94 -3.59 -9.59
N ALA C 5 26.79 -4.57 -9.30
CA ALA C 5 26.42 -5.74 -8.49
C ALA C 5 26.79 -5.51 -7.02
N SER C 6 25.98 -4.70 -6.33
CA SER C 6 26.32 -4.29 -4.96
C SER C 6 26.37 -5.45 -3.99
N ILE C 7 27.28 -5.33 -3.01
CA ILE C 7 27.47 -6.33 -1.98
C ILE C 7 27.13 -5.68 -0.66
N LEU C 8 26.10 -6.21 -0.01
CA LEU C 8 25.69 -5.74 1.29
C LEU C 8 26.29 -6.68 2.35
N ILE C 9 27.26 -6.19 3.10
CA ILE C 9 27.86 -6.98 4.19
C ILE C 9 26.97 -6.86 5.40
N ASP C 10 26.51 -8.01 5.90
CA ASP C 10 25.62 -8.05 7.04
C ASP C 10 26.37 -7.78 8.33
N THR C 11 25.64 -7.26 9.32
CA THR C 11 26.18 -6.95 10.62
C THR C 11 26.97 -8.12 11.19
N SER C 12 26.48 -9.33 10.93
CA SER C 12 27.06 -10.55 11.48
C SER C 12 28.49 -10.76 11.00
N ALA C 13 28.77 -10.43 9.74
CA ALA C 13 30.12 -10.50 9.22
C ALA C 13 30.97 -9.30 9.69
N TRP C 14 30.36 -8.12 9.68
CA TRP C 14 30.99 -6.91 10.09
C TRP C 14 31.63 -7.08 11.48
N VAL C 15 30.83 -7.62 12.39
CA VAL C 15 31.26 -7.75 13.76
C VAL C 15 32.52 -8.60 13.86
N GLU C 16 32.58 -9.70 13.08
CA GLU C 16 33.75 -10.54 13.06
C GLU C 16 35.01 -9.75 12.70
N TYR C 17 34.86 -8.93 11.66
CA TYR C 17 35.92 -8.07 11.18
C TYR C 17 36.38 -7.06 12.27
N PHE C 18 35.38 -6.44 12.89
CA PHE C 18 35.64 -5.45 13.91
C PHE C 18 36.39 -6.07 15.07
N ARG C 19 36.03 -7.31 15.45
CA ARG C 19 36.68 -7.97 16.56
C ARG C 19 38.00 -8.64 16.20
N ALA C 20 38.31 -8.69 14.90
CA ALA C 20 39.49 -9.38 14.38
C ALA C 20 39.54 -10.82 14.90
N THR C 21 38.46 -11.55 14.70
CA THR C 21 38.37 -12.94 15.19
C THR C 21 39.21 -13.93 14.36
N GLY C 22 39.62 -13.51 13.16
CA GLY C 22 40.32 -14.40 12.25
C GLY C 22 39.42 -15.48 11.63
N SER C 23 38.11 -15.36 11.84
CA SER C 23 37.17 -16.35 11.33
C SER C 23 37.07 -16.18 9.82
N ILE C 24 36.52 -17.17 9.14
CA ILE C 24 36.38 -17.05 7.70
C ILE C 24 35.56 -15.83 7.35
N ALA C 25 34.66 -15.39 8.24
CA ALA C 25 33.84 -14.22 7.89
C ALA C 25 34.71 -12.95 7.91
N ALA C 26 35.55 -12.81 8.94
CA ALA C 26 36.41 -11.67 9.06
C ALA C 26 37.36 -11.57 7.86
N VAL C 27 37.93 -12.71 7.50
CA VAL C 27 38.87 -12.78 6.38
C VAL C 27 38.16 -12.37 5.10
N GLU C 28 36.93 -12.86 4.93
CA GLU C 28 36.16 -12.50 3.74
C GLU C 28 35.88 -11.02 3.67
N VAL C 29 35.55 -10.44 4.82
CA VAL C 29 35.31 -9.01 4.92
C VAL C 29 36.55 -8.23 4.50
N ARG C 30 37.70 -8.68 5.00
CA ARG C 30 38.98 -8.08 4.69
C ARG C 30 39.22 -8.10 3.17
N ARG C 31 38.96 -9.26 2.59
CA ARG C 31 39.12 -9.47 1.16
C ARG C 31 38.25 -8.49 0.36
N LEU C 32 37.01 -8.38 0.81
CA LEU C 32 36.04 -7.51 0.18
C LEU C 32 36.54 -6.06 0.22
N LEU C 33 37.06 -5.65 1.38
CA LEU C 33 37.51 -4.30 1.54
C LEU C 33 38.75 -4.03 0.71
N SER C 34 39.59 -5.04 0.50
CA SER C 34 40.81 -4.85 -0.26
C SER C 34 40.61 -4.92 -1.76
N GLU C 35 39.71 -5.80 -2.19
CA GLU C 35 39.59 -6.16 -3.61
C GLU C 35 38.30 -5.69 -4.29
N GLU C 36 37.24 -5.44 -3.51
CA GLU C 36 35.93 -5.12 -4.07
C GLU C 36 35.29 -3.90 -3.38
N ALA C 37 36.11 -2.97 -2.89
CA ALA C 37 35.63 -1.85 -2.10
C ALA C 37 34.54 -1.04 -2.81
N ALA C 38 34.70 -0.90 -4.13
CA ALA C 38 33.75 -0.14 -4.95
C ALA C 38 32.34 -0.76 -5.02
N ARG C 39 32.22 -2.04 -4.68
CA ARG C 39 30.94 -2.74 -4.73
C ARG C 39 30.21 -2.77 -3.40
N ILE C 40 30.87 -2.39 -2.32
CA ILE C 40 30.31 -2.52 -0.98
C ILE C 40 29.26 -1.45 -0.73
N ALA C 41 28.12 -1.89 -0.17
CA ALA C 41 27.04 -1.00 0.18
C ALA C 41 26.68 -1.19 1.65
N MET C 42 25.99 -0.18 2.18
CA MET C 42 25.46 -0.19 3.54
C MET C 42 23.96 0.03 3.43
N CYS C 43 23.22 -0.33 4.48
CA CYS C 43 21.83 0.11 4.59
C CYS C 43 21.58 0.53 6.02
N GLU C 44 20.48 1.22 6.24
CA GLU C 44 20.30 1.91 7.51
C GLU C 44 19.96 0.94 8.63
N PRO C 45 19.29 -0.20 8.35
CA PRO C 45 19.08 -1.14 9.41
C PRO C 45 20.40 -1.74 9.90
N ILE C 46 21.28 -2.05 8.98
CA ILE C 46 22.59 -2.57 9.37
C ILE C 46 23.38 -1.53 10.19
N ALA C 47 23.28 -0.30 9.73
CA ALA C 47 23.97 0.83 10.35
C ALA C 47 23.55 1.00 11.79
N MET C 48 22.24 0.93 12.01
CA MET C 48 21.64 1.04 13.35
C MET C 48 22.17 -0.05 14.25
N GLU C 49 22.27 -1.27 13.74
CA GLU C 49 22.82 -2.38 14.50
C GLU C 49 24.31 -2.16 14.87
N ILE C 50 25.06 -1.68 13.89
CA ILE C 50 26.47 -1.48 14.04
C ILE C 50 26.73 -0.40 15.11
N LEU C 51 26.02 0.68 15.03
CA LEU C 51 26.22 1.76 15.98
C LEU C 51 25.75 1.32 17.37
N SER C 52 24.68 0.55 17.39
CA SER C 52 24.03 0.23 18.66
C SER C 52 24.97 -0.57 19.55
N GLY C 53 25.77 -1.45 18.95
CA GLY C 53 26.69 -2.29 19.69
C GLY C 53 28.07 -1.71 19.92
N ALA C 54 28.30 -0.47 19.50
CA ALA C 54 29.56 0.22 19.78
C ALA C 54 29.47 0.89 21.16
N LEU C 55 30.16 0.32 22.14
CA LEU C 55 30.09 0.83 23.52
C LEU C 55 31.00 2.04 23.72
N ASP C 56 32.25 1.93 23.27
CA ASP C 56 33.21 3.03 23.31
C ASP C 56 32.78 4.14 22.34
N ASP C 57 32.70 5.39 22.83
CA ASP C 57 32.24 6.51 22.02
C ASP C 57 33.23 6.90 20.93
N ASN C 58 34.51 6.64 21.16
CA ASN C 58 35.52 6.87 20.12
C ASN C 58 35.31 5.88 18.97
N THR C 59 35.17 4.61 19.35
CA THR C 59 34.90 3.56 18.37
C THR C 59 33.62 3.86 17.61
N HIS C 60 32.58 4.29 18.35
CA HIS C 60 31.31 4.66 17.75
C HIS C 60 31.49 5.75 16.68
N THR C 61 32.28 6.76 16.99
CA THR C 61 32.59 7.82 16.10
C THR C 61 33.21 7.30 14.78
N THR C 62 34.17 6.41 14.96
CA THR C 62 34.86 5.78 13.85
C THR C 62 33.87 5.02 12.96
N LEU C 63 32.97 4.26 13.62
CA LEU C 63 31.97 3.50 12.94
C LEU C 63 31.01 4.38 12.15
N GLU C 64 30.70 5.51 12.71
CA GLU C 64 29.85 6.53 12.06
C GLU C 64 30.52 6.97 10.77
N ARG C 65 31.81 7.17 10.72
CA ARG C 65 32.51 7.51 9.52
C ARG C 65 32.30 6.46 8.42
N LEU C 66 32.43 5.19 8.81
CA LEU C 66 32.18 4.08 7.93
C LEU C 66 30.75 4.06 7.37
N VAL C 67 29.76 4.10 8.28
CA VAL C 67 28.39 3.96 7.85
C VAL C 67 27.87 5.18 7.10
N ASN C 68 28.42 6.34 7.34
CA ASN C 68 28.13 7.56 6.62
C ASN C 68 28.92 7.55 5.32
N GLY C 69 30.04 6.83 5.23
CA GLY C 69 30.86 6.89 4.01
C GLY C 69 30.41 5.97 2.89
N LEU C 70 29.92 4.79 3.25
CA LEU C 70 29.55 3.81 2.24
C LEU C 70 28.27 4.22 1.51
N PRO C 71 28.17 3.88 0.21
CA PRO C 71 26.91 4.14 -0.50
C PRO C 71 25.77 3.41 0.19
N SER C 72 24.62 4.05 0.28
CA SER C 72 23.48 3.53 1.04
C SER C 72 22.39 3.01 0.10
N LEU C 73 21.88 1.82 0.44
CA LEU C 73 20.66 1.30 -0.17
C LEU C 73 19.50 1.67 0.74
N ASN C 74 18.57 2.49 0.26
CA ASN C 74 17.53 3.04 1.12
C ASN C 74 16.48 2.03 1.55
N VAL C 75 15.83 2.34 2.66
CA VAL C 75 14.59 1.71 3.05
C VAL C 75 13.47 2.59 2.51
N ASP C 76 12.57 1.98 1.76
CA ASP C 76 11.41 2.68 1.21
C ASP C 76 10.19 2.11 1.91
N ASP C 77 9.58 2.89 2.80
CA ASP C 77 8.48 2.35 3.60
C ASP C 77 7.15 2.17 2.82
N ALA C 78 7.12 2.58 1.56
CA ALA C 78 6.00 2.20 0.69
C ALA C 78 6.08 0.74 0.25
N ILE C 79 7.21 0.07 0.52
CA ILE C 79 7.49 -1.26 0.00
C ILE C 79 8.07 -2.26 1.00
N ASP C 80 9.13 -1.87 1.70
CA ASP C 80 10.06 -2.81 2.27
C ASP C 80 9.51 -3.44 3.55
N PHE C 81 8.75 -2.71 4.35
CA PHE C 81 8.23 -3.29 5.57
C PHE C 81 7.22 -4.41 5.29
N ARG C 82 6.33 -4.13 4.32
CA ARG C 82 5.37 -5.14 3.88
C ARG C 82 6.09 -6.37 3.34
N ALA C 83 7.15 -6.14 2.56
CA ALA C 83 7.91 -7.24 2.01
C ALA C 83 8.54 -8.09 3.12
N ALA C 84 9.07 -7.42 4.13
CA ALA C 84 9.65 -8.10 5.27
C ALA C 84 8.64 -8.96 5.97
N ALA C 85 7.45 -8.37 6.17
CA ALA C 85 6.33 -9.06 6.81
C ALA C 85 6.00 -10.35 6.04
N GLY C 86 5.93 -10.18 4.74
CA GLY C 86 5.61 -11.29 3.82
C GLY C 86 6.62 -12.40 3.97
N ILE C 87 7.89 -12.02 4.01
CA ILE C 87 9.01 -12.95 4.15
C ILE C 87 8.86 -13.75 5.46
N TYR C 88 8.55 -13.00 6.51
CA TYR C 88 8.53 -13.56 7.85
C TYR C 88 7.40 -14.57 7.96
N ARG C 89 6.26 -14.16 7.46
CA ARG C 89 5.05 -15.04 7.51
C ARG C 89 5.32 -16.26 6.69
N ALA C 90 5.98 -16.11 5.52
CA ALA C 90 6.28 -17.29 4.71
C ALA C 90 7.16 -18.25 5.44
N ALA C 91 8.16 -17.71 6.12
CA ALA C 91 9.10 -18.51 6.93
C ALA C 91 8.35 -19.29 7.99
N ARG C 92 7.43 -18.60 8.66
CA ARG C 92 6.62 -19.19 9.70
C ARG C 92 5.78 -20.37 9.14
N ARG C 93 5.19 -20.12 7.99
CA ARG C 93 4.38 -21.10 7.31
C ARG C 93 5.15 -22.31 6.90
N ALA C 94 6.41 -22.11 6.54
CA ALA C 94 7.36 -23.18 6.18
C ALA C 94 7.80 -24.02 7.37
N GLY C 95 7.45 -23.65 8.60
CA GLY C 95 7.98 -24.31 9.79
C GLY C 95 9.42 -23.91 10.06
N GLU C 96 9.88 -22.84 9.41
CA GLU C 96 11.24 -22.34 9.57
C GLU C 96 11.26 -21.35 10.72
N THR C 97 12.45 -21.14 11.27
CA THR C 97 12.62 -20.20 12.37
C THR C 97 13.44 -19.00 11.89
N VAL C 98 12.96 -17.81 12.22
CA VAL C 98 13.65 -16.56 11.90
C VAL C 98 13.94 -15.81 13.19
N ARG C 99 15.22 -15.68 13.50
CA ARG C 99 15.66 -15.01 14.71
C ARG C 99 15.32 -13.53 14.80
N SER C 100 15.42 -12.82 13.68
CA SER C 100 15.24 -11.38 13.68
C SER C 100 14.42 -10.92 12.46
N ILE C 101 13.31 -10.22 12.71
CA ILE C 101 12.53 -9.63 11.67
C ILE C 101 13.29 -8.53 10.95
N ASN C 102 14.30 -7.93 11.55
CA ASN C 102 15.15 -7.00 10.81
C ASN C 102 16.01 -7.72 9.81
N ASP C 103 16.30 -9.01 9.98
CA ASP C 103 16.95 -9.75 8.89
C ASP C 103 16.02 -9.86 7.68
N CYS C 104 14.76 -10.05 7.90
CA CYS C 104 13.78 -10.06 6.82
C CYS C 104 13.71 -8.70 6.14
N LEU C 105 13.78 -7.61 6.87
CA LEU C 105 13.82 -6.29 6.32
C LEU C 105 15.03 -6.08 5.42
N ILE C 106 16.19 -6.45 5.95
CA ILE C 106 17.44 -6.33 5.25
C ILE C 106 17.38 -7.12 3.93
N ALA C 107 16.88 -8.33 4.02
CA ALA C 107 16.77 -9.19 2.84
C ALA C 107 15.83 -8.61 1.83
N ALA C 108 14.73 -8.03 2.27
CA ALA C 108 13.74 -7.40 1.43
C ALA C 108 14.43 -6.27 0.65
N LEU C 109 15.19 -5.45 1.40
CA LEU C 109 15.78 -4.29 0.75
C LEU C 109 16.85 -4.77 -0.25
N ALA C 110 17.57 -5.83 0.07
CA ALA C 110 18.57 -6.35 -0.84
C ALA C 110 17.91 -6.83 -2.11
N ILE C 111 16.81 -7.54 -1.97
CA ILE C 111 16.09 -8.09 -3.13
C ILE C 111 15.62 -6.92 -3.99
N ARG C 112 15.12 -5.86 -3.35
CA ARG C 112 14.61 -4.73 -4.11
C ARG C 112 15.76 -4.11 -4.88
N HIS C 113 16.92 -3.97 -4.25
CA HIS C 113 18.00 -3.20 -4.86
C HIS C 113 18.89 -3.99 -5.79
N GLY C 114 18.67 -5.31 -5.79
CA GLY C 114 19.51 -6.22 -6.55
C GLY C 114 20.86 -6.46 -5.93
N ALA C 115 20.96 -6.40 -4.60
CA ALA C 115 22.23 -6.58 -3.90
C ALA C 115 22.35 -8.00 -3.37
N ARG C 116 23.58 -8.49 -3.26
CA ARG C 116 23.82 -9.79 -2.64
C ARG C 116 24.32 -9.56 -1.23
N ILE C 117 23.97 -10.47 -0.32
CA ILE C 117 24.34 -10.33 1.09
C ILE C 117 25.46 -11.31 1.47
N VAL C 118 26.49 -10.78 2.12
CA VAL C 118 27.54 -11.58 2.71
C VAL C 118 27.29 -11.56 4.21
N HIS C 119 27.18 -12.74 4.82
CA HIS C 119 26.73 -12.86 6.22
C HIS C 119 27.28 -14.11 6.91
N ARG C 120 26.99 -14.21 8.21
CA ARG C 120 27.04 -15.49 8.91
C ARG C 120 25.88 -15.57 9.90
N ASP C 121 24.67 -15.59 9.35
CA ASP C 121 23.45 -15.70 10.14
C ASP C 121 22.49 -16.62 9.38
N ALA C 122 22.04 -17.69 10.04
CA ALA C 122 21.17 -18.68 9.48
C ALA C 122 19.88 -18.11 8.96
N ASP C 123 19.48 -16.93 9.44
CA ASP C 123 18.26 -16.28 8.96
C ASP C 123 18.37 -16.11 7.47
N PHE C 124 19.54 -15.72 6.97
CA PHE C 124 19.68 -15.46 5.53
C PHE C 124 19.67 -16.73 4.69
N ASP C 125 20.14 -17.79 5.27
CA ASP C 125 20.02 -19.15 4.69
C ASP C 125 18.53 -19.50 4.56
N VAL C 126 17.75 -19.24 5.58
CA VAL C 126 16.35 -19.52 5.55
C VAL C 126 15.69 -18.69 4.41
N ILE C 127 16.05 -17.44 4.40
CA ILE C 127 15.36 -16.49 3.50
C ILE C 127 15.68 -16.82 2.07
N ALA C 128 16.91 -17.23 1.75
CA ALA C 128 17.24 -17.63 0.41
C ALA C 128 16.56 -18.89 0.00
N ARG C 129 16.16 -19.80 0.88
CA ARG C 129 15.31 -20.90 0.57
C ARG C 129 13.90 -20.51 0.19
N ILE C 130 13.39 -19.38 0.63
CA ILE C 130 12.01 -19.02 0.27
C ILE C 130 11.87 -17.85 -0.71
N THR C 131 12.94 -17.10 -0.95
CA THR C 131 12.94 -15.99 -1.92
C THR C 131 14.13 -16.13 -2.84
N ASN C 132 14.23 -15.24 -3.82
CA ASN C 132 15.41 -15.20 -4.69
C ASN C 132 16.51 -14.25 -4.19
N LEU C 133 16.70 -14.22 -2.87
CA LEU C 133 17.80 -13.50 -2.26
C LEU C 133 19.12 -14.16 -2.62
N GLN C 134 20.07 -13.35 -3.09
CA GLN C 134 21.44 -13.81 -3.29
C GLN C 134 22.16 -13.62 -1.96
N ALA C 135 22.51 -14.73 -1.31
CA ALA C 135 23.21 -14.68 -0.02
C ALA C 135 24.36 -15.69 0.00
N ALA C 136 25.47 -15.29 0.60
CA ALA C 136 26.64 -16.14 0.73
C ALA C 136 27.03 -16.22 2.21
N SER C 137 26.98 -17.43 2.75
CA SER C 137 27.30 -17.65 4.17
C SER C 137 28.79 -17.89 4.39
N PHE C 138 29.33 -17.23 5.41
CA PHE C 138 30.72 -17.42 5.82
C PHE C 138 30.84 -17.80 7.30
N ARG C 139 30.27 -18.94 7.66
CA ARG C 139 30.51 -19.53 8.99
C ARG C 139 31.43 -20.75 8.89
N SER D 1 34.70 22.18 -7.04
CA SER D 1 35.11 23.38 -7.84
C SER D 1 34.00 23.79 -8.79
N ARG D 2 34.01 25.07 -9.17
CA ARG D 2 32.99 25.62 -10.05
C ARG D 2 33.22 25.19 -11.49
N THR D 3 32.14 24.80 -12.17
CA THR D 3 32.22 24.41 -13.58
C THR D 3 30.93 24.76 -14.33
N ASN D 4 31.08 25.08 -15.61
CA ASN D 4 29.92 25.29 -16.48
C ASN D 4 29.49 23.92 -17.01
N ILE D 5 28.20 23.61 -16.90
CA ILE D 5 27.72 22.26 -17.16
C ILE D 5 26.25 22.28 -17.57
N ASP D 6 25.90 21.42 -18.53
CA ASP D 6 24.52 21.28 -18.96
C ASP D 6 23.84 20.24 -18.08
N ILE D 7 22.83 20.67 -17.34
CA ILE D 7 22.07 19.79 -16.47
C ILE D 7 20.60 19.82 -16.90
N ASP D 8 20.05 18.64 -17.13
CA ASP D 8 18.66 18.52 -17.54
C ASP D 8 17.81 19.27 -16.55
N ASP D 9 17.07 20.27 -17.02
CA ASP D 9 16.41 21.18 -16.08
C ASP D 9 15.40 20.38 -15.24
N GLU D 10 14.67 19.52 -15.96
CA GLU D 10 13.47 18.89 -15.40
C GLU D 10 13.84 17.96 -14.25
N LEU D 11 14.87 17.14 -14.50
CA LEU D 11 15.38 16.19 -13.51
C LEU D 11 15.79 16.93 -12.25
N ALA D 12 16.54 18.01 -12.46
CA ALA D 12 17.06 18.84 -11.37
C ALA D 12 15.90 19.37 -10.52
N ALA D 13 14.88 19.86 -11.23
CA ALA D 13 13.69 20.41 -10.59
C ALA D 13 13.02 19.37 -9.74
N GLU D 14 12.88 18.18 -10.31
CA GLU D 14 12.26 17.03 -9.64
C GLU D 14 13.01 16.73 -8.33
N VAL D 15 14.33 16.70 -8.45
CA VAL D 15 15.20 16.42 -7.31
C VAL D 15 14.98 17.45 -6.20
N MET D 16 14.93 18.70 -6.63
CA MET D 16 14.73 19.82 -5.71
C MET D 16 13.39 19.66 -4.97
N ARG D 17 12.37 19.30 -5.72
CA ARG D 17 11.04 19.07 -5.18
C ARG D 17 11.02 17.92 -4.13
N ARG D 18 11.49 16.76 -4.55
CA ARG D 18 11.40 15.58 -3.73
C ARG D 18 12.12 15.75 -2.41
N PHE D 19 13.30 16.36 -2.44
CA PHE D 19 14.11 16.43 -1.23
C PHE D 19 14.09 17.80 -0.58
N GLY D 20 13.25 18.69 -1.09
CA GLY D 20 13.10 20.03 -0.52
C GLY D 20 14.40 20.80 -0.52
N LEU D 21 15.11 20.75 -1.65
CA LEU D 21 16.39 21.42 -1.81
C LEU D 21 16.19 22.70 -2.60
N THR D 22 16.99 23.71 -2.31
CA THR D 22 16.80 25.04 -2.89
C THR D 22 17.90 25.47 -3.86
N THR D 23 18.84 24.57 -4.14
CA THR D 23 19.85 24.80 -5.16
C THR D 23 20.12 23.56 -6.03
N LYS D 24 20.50 23.83 -7.28
CA LYS D 24 20.92 22.76 -8.17
C LYS D 24 22.14 22.06 -7.63
N ARG D 25 23.04 22.82 -7.01
CA ARG D 25 24.29 22.30 -6.47
C ARG D 25 23.99 21.20 -5.45
N ALA D 26 23.07 21.54 -4.55
CA ALA D 26 22.68 20.61 -3.48
C ALA D 26 22.11 19.33 -4.07
N ALA D 27 21.28 19.48 -5.09
CA ALA D 27 20.65 18.36 -5.77
C ALA D 27 21.74 17.43 -6.36
N VAL D 28 22.69 18.07 -7.03
CA VAL D 28 23.70 17.33 -7.74
C VAL D 28 24.56 16.57 -6.74
N ASP D 29 24.90 17.24 -5.65
CA ASP D 29 25.76 16.59 -4.63
C ASP D 29 25.00 15.43 -4.06
N LEU D 30 23.70 15.59 -3.80
CA LEU D 30 22.92 14.50 -3.21
C LEU D 30 22.93 13.30 -4.15
N ALA D 31 22.75 13.59 -5.43
CA ALA D 31 22.64 12.52 -6.42
C ALA D 31 24.00 11.79 -6.47
N LEU D 32 25.09 12.54 -6.46
CA LEU D 32 26.37 11.88 -6.61
C LEU D 32 26.60 11.01 -5.37
N ARG D 33 26.25 11.56 -4.20
CA ARG D 33 26.55 10.78 -2.97
C ARG D 33 25.66 9.56 -2.93
N ARG D 34 24.46 9.58 -3.51
CA ARG D 34 23.65 8.37 -3.51
C ARG D 34 24.40 7.26 -4.26
N LEU D 35 24.99 7.62 -5.39
CA LEU D 35 25.78 6.67 -6.16
C LEU D 35 27.02 6.15 -5.46
N VAL D 36 27.87 6.97 -4.89
CA VAL D 36 29.17 6.44 -4.46
C VAL D 36 29.53 6.71 -3.01
N GLY D 37 28.63 7.33 -2.26
CA GLY D 37 28.90 7.73 -0.90
C GLY D 37 29.97 8.80 -0.83
N SER D 38 30.65 8.86 0.32
CA SER D 38 31.70 9.82 0.58
C SER D 38 33.02 9.06 0.71
N PRO D 39 34.15 9.71 0.34
CA PRO D 39 35.42 9.01 0.20
C PRO D 39 35.84 8.23 1.45
N LEU D 40 36.04 6.93 1.30
CA LEU D 40 36.64 6.12 2.34
C LEU D 40 37.89 5.48 1.74
N SER D 41 39.05 5.81 2.30
CA SER D 41 40.30 5.28 1.81
C SER D 41 40.43 3.81 2.17
N ARG D 42 41.18 3.08 1.35
CA ARG D 42 41.50 1.70 1.64
C ARG D 42 42.12 1.58 3.04
N GLU D 43 42.98 2.55 3.36
CA GLU D 43 43.71 2.52 4.63
C GLU D 43 42.74 2.58 5.79
N PHE D 44 41.74 3.44 5.69
CA PHE D 44 40.75 3.59 6.75
C PHE D 44 39.95 2.27 6.92
N LEU D 45 39.62 1.70 5.78
CA LEU D 45 38.77 0.50 5.74
C LEU D 45 39.52 -0.68 6.37
N LEU D 46 40.76 -0.84 6.01
CA LEU D 46 41.58 -1.91 6.57
C LEU D 46 41.95 -1.62 8.00
N GLY D 47 42.01 -0.41 8.44
CA GLY D 47 42.32 0.02 9.77
C GLY D 47 41.22 -0.32 10.73
N LEU D 48 40.02 -0.60 10.23
CA LEU D 48 38.89 -0.96 11.09
C LEU D 48 38.98 -2.38 11.65
N GLU D 49 39.81 -3.25 11.07
CA GLU D 49 39.94 -4.61 11.57
C GLU D 49 40.56 -4.60 12.98
N GLY D 50 39.81 -5.11 13.95
CA GLY D 50 40.28 -5.14 15.35
C GLY D 50 39.97 -3.87 16.12
N VAL D 51 39.15 -2.98 15.55
CA VAL D 51 38.77 -1.75 16.25
C VAL D 51 37.95 -2.08 17.50
N GLY D 52 37.26 -3.23 17.45
CA GLY D 52 36.47 -3.71 18.58
C GLY D 52 34.99 -3.47 18.38
N TRP D 53 34.18 -4.32 18.98
CA TRP D 53 32.73 -4.19 18.97
C TRP D 53 32.23 -5.02 20.15
N GLU D 54 32.01 -4.35 21.28
CA GLU D 54 31.76 -5.03 22.56
C GLU D 54 30.29 -5.25 22.85
N GLY D 55 29.41 -4.87 21.91
CA GLY D 55 27.99 -5.15 22.04
C GLY D 55 27.70 -6.61 21.82
N ASP D 56 26.41 -6.97 21.86
CA ASP D 56 25.98 -8.34 21.70
C ASP D 56 24.94 -8.37 20.59
N LEU D 57 25.30 -8.97 19.45
CA LEU D 57 24.38 -9.03 18.32
C LEU D 57 23.13 -9.87 18.64
N ASP D 58 23.27 -10.82 19.58
CA ASP D 58 22.13 -11.58 20.09
C ASP D 58 21.11 -10.70 20.80
N ASP D 59 21.57 -9.66 21.51
CA ASP D 59 20.67 -8.68 22.11
C ASP D 59 19.86 -7.96 21.03
N LEU D 60 20.56 -7.52 19.98
CA LEU D 60 19.93 -6.75 18.91
C LEU D 60 19.00 -7.60 18.05
N ARG D 61 19.34 -8.87 17.86
CA ARG D 61 18.54 -9.78 17.04
C ARG D 61 17.74 -10.77 17.89
N SER D 62 18.43 -11.71 18.54
CA SER D 62 17.83 -12.71 19.45
C SER D 62 18.84 -13.83 19.69
N ALA E 5 4.13 10.15 -20.63
CA ALA E 5 2.91 9.30 -20.71
C ALA E 5 3.15 7.93 -20.09
N SER E 6 2.37 7.60 -19.06
CA SER E 6 2.52 6.34 -18.33
C SER E 6 2.19 5.14 -19.22
N ILE E 7 2.85 4.03 -18.95
CA ILE E 7 2.62 2.78 -19.66
C ILE E 7 2.04 1.78 -18.67
N LEU E 8 0.77 1.46 -18.86
CA LEU E 8 0.06 0.55 -17.99
C LEU E 8 0.06 -0.84 -18.62
N ILE E 9 0.84 -1.75 -18.04
CA ILE E 9 0.92 -3.12 -18.52
C ILE E 9 -0.25 -3.93 -17.95
N ASP E 10 -1.04 -4.53 -18.84
CA ASP E 10 -2.19 -5.30 -18.42
C ASP E 10 -1.80 -6.65 -17.85
N THR E 11 -2.66 -7.20 -16.98
CA THR E 11 -2.47 -8.50 -16.37
C THR E 11 -2.15 -9.56 -17.42
N SER E 12 -2.81 -9.44 -18.57
CA SER E 12 -2.67 -10.44 -19.62
C SER E 12 -1.22 -10.59 -20.08
N ALA E 13 -0.52 -9.47 -20.18
CA ALA E 13 0.88 -9.44 -20.56
C ALA E 13 1.81 -9.82 -19.40
N TRP E 14 1.46 -9.32 -18.23
CA TRP E 14 2.21 -9.56 -17.01
C TRP E 14 2.33 -11.07 -16.80
N VAL E 15 1.21 -11.78 -16.87
CA VAL E 15 1.22 -13.19 -16.62
C VAL E 15 2.19 -13.95 -17.53
N GLU E 16 2.22 -13.56 -18.82
CA GLU E 16 3.14 -14.10 -19.77
C GLU E 16 4.60 -13.99 -19.30
N TYR E 17 4.94 -12.80 -18.82
CA TYR E 17 6.25 -12.52 -18.26
C TYR E 17 6.57 -13.36 -16.99
N PHE E 18 5.58 -13.42 -16.10
CA PHE E 18 5.75 -14.12 -14.87
C PHE E 18 5.98 -15.59 -15.14
N ARG E 19 5.31 -16.16 -16.14
CA ARG E 19 5.47 -17.59 -16.45
C ARG E 19 6.57 -17.88 -17.49
N ALA E 20 7.32 -16.85 -17.88
CA ALA E 20 8.41 -16.95 -18.83
C ALA E 20 8.00 -17.79 -20.04
N THR E 21 6.90 -17.39 -20.66
CA THR E 21 6.32 -18.15 -21.75
C THR E 21 7.11 -17.97 -23.04
N GLY E 22 7.84 -16.87 -23.15
CA GLY E 22 8.58 -16.55 -24.37
C GLY E 22 7.75 -15.95 -25.48
N SER E 23 6.46 -15.71 -25.23
CA SER E 23 5.57 -15.12 -26.23
C SER E 23 6.00 -13.70 -26.51
N ILE E 24 5.46 -13.09 -27.55
CA ILE E 24 5.82 -11.72 -27.85
C ILE E 24 5.44 -10.83 -26.69
N ALA E 25 4.39 -11.15 -25.96
CA ALA E 25 3.97 -10.27 -24.86
C ALA E 25 5.02 -10.27 -23.75
N ALA E 26 5.52 -11.47 -23.43
CA ALA E 26 6.55 -11.61 -22.41
C ALA E 26 7.80 -10.82 -22.83
N VAL E 27 8.17 -10.93 -24.11
CA VAL E 27 9.36 -10.25 -24.57
C VAL E 27 9.15 -8.73 -24.50
N GLU E 28 7.95 -8.26 -24.82
CA GLU E 28 7.69 -6.84 -24.74
C GLU E 28 7.72 -6.34 -23.32
N VAL E 29 7.17 -7.09 -22.39
CA VAL E 29 7.22 -6.75 -20.99
C VAL E 29 8.68 -6.65 -20.54
N ARG E 30 9.50 -7.63 -20.96
CA ARG E 30 10.92 -7.62 -20.62
C ARG E 30 11.60 -6.34 -21.10
N ARG E 31 11.29 -6.00 -22.35
CA ARG E 31 11.83 -4.80 -22.99
C ARG E 31 11.47 -3.56 -22.18
N LEU E 32 10.20 -3.50 -21.80
CA LEU E 32 9.67 -2.39 -21.02
C LEU E 32 10.44 -2.26 -19.71
N LEU E 33 10.64 -3.40 -19.05
CA LEU E 33 11.35 -3.43 -17.79
C LEU E 33 12.79 -2.96 -17.93
N SER E 34 13.41 -3.33 -19.03
CA SER E 34 14.78 -2.98 -19.34
C SER E 34 15.06 -1.57 -19.70
N GLU E 35 14.16 -0.98 -20.50
CA GLU E 35 14.40 0.29 -21.18
C GLU E 35 13.52 1.45 -20.71
N GLU E 36 12.37 1.15 -20.11
CA GLU E 36 11.41 2.20 -19.78
C GLU E 36 10.78 1.99 -18.40
N ALA E 37 11.56 1.47 -17.47
CA ALA E 37 11.04 1.09 -16.16
C ALA E 37 10.40 2.27 -15.41
N ALA E 38 10.97 3.46 -15.56
CA ALA E 38 10.47 4.64 -14.86
C ALA E 38 9.09 5.12 -15.36
N ARG E 39 8.69 4.66 -16.54
CA ARG E 39 7.41 5.03 -17.13
C ARG E 39 6.28 4.03 -16.86
N ILE E 40 6.63 2.88 -16.28
CA ILE E 40 5.65 1.81 -16.06
C ILE E 40 4.76 2.16 -14.88
N ALA E 41 3.44 2.02 -15.08
CA ALA E 41 2.47 2.30 -14.04
C ALA E 41 1.66 1.06 -13.72
N MET E 42 1.02 1.09 -12.55
CA MET E 42 0.15 0.04 -12.06
C MET E 42 -1.19 0.71 -11.71
N CYS E 43 -2.24 -0.09 -11.63
CA CYS E 43 -3.51 0.39 -11.05
C CYS E 43 -4.07 -0.71 -10.18
N GLU E 44 -5.02 -0.36 -9.33
CA GLU E 44 -5.43 -1.28 -8.31
C GLU E 44 -6.27 -2.44 -8.87
N PRO E 45 -7.02 -2.25 -9.96
CA PRO E 45 -7.71 -3.37 -10.52
C PRO E 45 -6.74 -4.43 -11.06
N ILE E 46 -5.69 -3.98 -11.72
CA ILE E 46 -4.67 -4.89 -12.21
C ILE E 46 -3.98 -5.63 -11.05
N ALA E 47 -3.71 -4.86 -10.00
CA ALA E 47 -3.05 -5.35 -8.80
C ALA E 47 -3.85 -6.47 -8.18
N MET E 48 -5.16 -6.26 -8.07
CA MET E 48 -6.08 -7.23 -7.51
C MET E 48 -6.03 -8.54 -8.29
N GLU E 49 -6.00 -8.41 -9.62
CA GLU E 49 -5.96 -9.58 -10.49
C GLU E 49 -4.64 -10.35 -10.27
N ILE E 50 -3.58 -9.59 -10.19
CA ILE E 50 -2.23 -10.17 -10.13
C ILE E 50 -2.11 -10.92 -8.79
N LEU E 51 -2.54 -10.31 -7.72
CA LEU E 51 -2.36 -10.93 -6.42
C LEU E 51 -3.36 -12.04 -6.27
N SER E 52 -4.49 -12.05 -6.95
CA SER E 52 -5.49 -13.07 -6.72
C SER E 52 -5.00 -14.38 -7.28
N GLY E 53 -4.11 -14.33 -8.27
CA GLY E 53 -3.53 -15.54 -8.83
C GLY E 53 -2.18 -15.94 -8.25
N ALA E 54 -1.72 -15.23 -7.22
CA ALA E 54 -0.47 -15.57 -6.56
C ALA E 54 -0.76 -16.34 -5.28
N LEU E 55 -1.04 -17.63 -5.43
CA LEU E 55 -1.45 -18.48 -4.30
C LEU E 55 -0.24 -19.01 -3.52
N ASP E 56 0.91 -19.07 -4.18
CA ASP E 56 2.18 -19.42 -3.54
C ASP E 56 2.64 -18.22 -2.71
N ASP E 57 3.02 -18.45 -1.46
CA ASP E 57 3.38 -17.38 -0.55
C ASP E 57 4.54 -16.53 -1.08
N ASN E 58 5.54 -17.21 -1.63
CA ASN E 58 6.73 -16.51 -2.11
CA ASN E 58 6.73 -16.54 -2.09
C ASN E 58 6.39 -15.68 -3.33
N THR E 59 5.63 -16.30 -4.26
CA THR E 59 5.14 -15.59 -5.44
C THR E 59 4.38 -14.35 -5.03
N HIS E 60 3.50 -14.51 -4.02
CA HIS E 60 2.69 -13.41 -3.54
C HIS E 60 3.52 -12.25 -3.01
N THR E 61 4.49 -12.51 -2.15
CA THR E 61 5.29 -11.44 -1.58
C THR E 61 6.02 -10.68 -2.69
N THR E 62 6.59 -11.45 -3.63
CA THR E 62 7.38 -10.95 -4.71
C THR E 62 6.46 -10.02 -5.58
N LEU E 63 5.30 -10.50 -5.98
CA LEU E 63 4.48 -9.67 -6.81
C LEU E 63 3.84 -8.53 -6.06
N GLU E 64 3.68 -8.64 -4.78
CA GLU E 64 3.23 -7.51 -3.94
C GLU E 64 4.29 -6.46 -3.96
N ARG E 65 5.57 -6.82 -3.90
CA ARG E 65 6.66 -5.85 -3.99
C ARG E 65 6.54 -5.04 -5.31
N LEU E 66 6.31 -5.76 -6.39
CA LEU E 66 6.18 -5.19 -7.70
C LEU E 66 5.01 -4.18 -7.72
N VAL E 67 3.88 -4.60 -7.14
CA VAL E 67 2.73 -3.75 -7.19
C VAL E 67 2.98 -2.52 -6.31
N ASN E 68 3.70 -2.64 -5.20
CA ASN E 68 3.85 -1.54 -4.31
C ASN E 68 4.91 -0.59 -4.81
N GLY E 69 5.79 -1.07 -5.66
CA GLY E 69 6.92 -0.29 -6.14
C GLY E 69 6.68 0.47 -7.43
N LEU E 70 5.55 0.23 -8.08
CA LEU E 70 5.19 0.97 -9.29
C LEU E 70 4.25 2.13 -8.94
N PRO E 71 4.40 3.27 -9.62
CA PRO E 71 3.45 4.37 -9.41
C PRO E 71 2.02 3.91 -9.73
N SER E 72 1.06 4.38 -8.93
CA SER E 72 -0.34 3.97 -9.12
C SER E 72 -1.17 5.02 -9.84
N LEU E 73 -1.93 4.57 -10.84
CA LEU E 73 -2.98 5.39 -11.45
C LEU E 73 -4.27 5.12 -10.70
N ASN E 74 -4.79 6.14 -10.03
CA ASN E 74 -5.91 5.98 -9.10
C ASN E 74 -7.20 5.59 -9.81
N VAL E 75 -8.06 4.89 -9.08
CA VAL E 75 -9.42 4.68 -9.45
C VAL E 75 -10.22 5.80 -8.81
N ASP E 76 -10.92 6.56 -9.64
CA ASP E 76 -11.79 7.63 -9.15
C ASP E 76 -13.19 7.05 -9.00
N ASP E 77 -13.57 6.80 -7.74
CA ASP E 77 -14.87 6.24 -7.39
C ASP E 77 -16.03 6.99 -8.04
N ALA E 78 -15.91 8.31 -8.13
CA ALA E 78 -17.01 9.14 -8.63
C ALA E 78 -17.40 8.92 -10.10
N ILE E 79 -16.47 8.46 -10.95
CA ILE E 79 -16.66 8.47 -12.37
C ILE E 79 -16.20 7.20 -13.08
N ASP E 80 -15.17 6.52 -12.57
CA ASP E 80 -14.52 5.51 -13.39
C ASP E 80 -15.44 4.30 -13.60
N PHE E 81 -16.19 3.91 -12.60
CA PHE E 81 -17.12 2.82 -12.77
C PHE E 81 -18.21 3.15 -13.81
N ARG E 82 -18.70 4.38 -13.74
CA ARG E 82 -19.67 4.88 -14.70
C ARG E 82 -19.12 4.83 -16.13
N ALA E 83 -17.88 5.27 -16.25
CA ALA E 83 -17.16 5.29 -17.51
C ALA E 83 -17.08 3.88 -18.08
N ALA E 84 -16.72 2.94 -17.22
CA ALA E 84 -16.57 1.55 -17.59
C ALA E 84 -17.91 0.99 -18.12
N ALA E 85 -18.98 1.32 -17.40
CA ALA E 85 -20.32 0.92 -17.78
C ALA E 85 -20.66 1.42 -19.18
N GLY E 86 -20.34 2.70 -19.38
CA GLY E 86 -20.57 3.39 -20.66
C GLY E 86 -19.85 2.65 -21.79
N ILE E 87 -18.59 2.32 -21.51
CA ILE E 87 -17.74 1.62 -22.46
C ILE E 87 -18.34 0.26 -22.85
N TYR E 88 -18.81 -0.44 -21.82
CA TYR E 88 -19.40 -1.75 -21.98
C TYR E 88 -20.63 -1.64 -22.91
N ARG E 89 -21.47 -0.66 -22.60
CA ARG E 89 -22.69 -0.50 -23.37
C ARG E 89 -22.34 -0.22 -24.84
N ALA E 90 -21.34 0.66 -25.00
CA ALA E 90 -20.88 1.04 -26.35
C ALA E 90 -20.41 -0.18 -27.11
N ALA E 91 -19.68 -1.06 -26.45
CA ALA E 91 -19.17 -2.27 -27.06
C ALA E 91 -20.33 -3.13 -27.58
N ARG E 92 -21.34 -3.27 -26.73
CA ARG E 92 -22.53 -4.03 -27.08
C ARG E 92 -23.22 -3.45 -28.31
N ARG E 93 -23.33 -2.12 -28.31
CA ARG E 93 -23.93 -1.38 -29.40
C ARG E 93 -23.17 -1.61 -30.72
N ALA E 94 -21.85 -1.64 -30.63
CA ALA E 94 -20.97 -1.88 -31.74
C ALA E 94 -20.96 -3.32 -32.13
N GLY E 95 -21.81 -4.19 -31.59
CA GLY E 95 -21.85 -5.59 -32.01
C GLY E 95 -20.59 -6.36 -31.65
N GLU E 96 -19.95 -5.97 -30.55
CA GLU E 96 -18.78 -6.66 -30.05
C GLU E 96 -19.09 -7.11 -28.63
N THR E 97 -18.22 -7.96 -28.09
CA THR E 97 -18.37 -8.43 -26.72
C THR E 97 -17.12 -8.06 -25.92
N VAL E 98 -17.30 -7.90 -24.62
CA VAL E 98 -16.18 -7.70 -23.71
C VAL E 98 -16.28 -8.83 -22.70
N ARG E 99 -15.21 -9.61 -22.54
CA ARG E 99 -15.27 -10.75 -21.64
C ARG E 99 -15.27 -10.30 -20.17
N SER E 100 -14.55 -9.23 -19.86
CA SER E 100 -14.41 -8.77 -18.47
C SER E 100 -14.74 -7.29 -18.30
N ILE E 101 -15.74 -7.01 -17.48
CA ILE E 101 -16.13 -5.66 -17.16
C ILE E 101 -15.00 -4.90 -16.50
N ASN E 102 -14.07 -5.56 -15.82
CA ASN E 102 -12.94 -4.87 -15.26
C ASN E 102 -11.96 -4.43 -16.32
N ASP E 103 -11.94 -5.04 -17.49
CA ASP E 103 -11.17 -4.46 -18.60
C ASP E 103 -11.74 -3.10 -19.00
N CYS E 104 -13.04 -2.92 -18.96
CA CYS E 104 -13.64 -1.63 -19.21
C CYS E 104 -13.23 -0.59 -18.17
N LEU E 105 -13.16 -0.99 -16.93
CA LEU E 105 -12.73 -0.15 -15.84
C LEU E 105 -11.28 0.32 -16.04
N ILE E 106 -10.43 -0.65 -16.33
CA ILE E 106 -9.02 -0.41 -16.56
C ILE E 106 -8.85 0.58 -17.72
N ALA E 107 -9.60 0.34 -18.79
CA ALA E 107 -9.50 1.22 -19.96
C ALA E 107 -9.98 2.62 -19.64
N ALA E 108 -11.02 2.74 -18.84
CA ALA E 108 -11.54 4.03 -18.41
C ALA E 108 -10.44 4.78 -17.67
N LEU E 109 -9.79 4.06 -16.73
CA LEU E 109 -8.78 4.73 -15.92
C LEU E 109 -7.60 5.16 -16.80
N ALA E 110 -7.26 4.34 -17.78
CA ALA E 110 -6.17 4.67 -18.68
C ALA E 110 -6.51 5.92 -19.48
N ILE E 111 -7.73 5.99 -19.95
CA ILE E 111 -8.17 7.13 -20.74
C ILE E 111 -8.13 8.39 -19.87
N ARG E 112 -8.55 8.26 -18.61
CA ARG E 112 -8.55 9.42 -17.73
C ARG E 112 -7.12 9.88 -17.52
N HIS E 113 -6.17 8.94 -17.34
CA HIS E 113 -4.86 9.32 -16.95
C HIS E 113 -3.99 9.72 -18.11
N GLY E 114 -4.45 9.44 -19.33
CA GLY E 114 -3.62 9.59 -20.52
C GLY E 114 -2.52 8.54 -20.62
N ALA E 115 -2.74 7.38 -19.99
CA ALA E 115 -1.81 6.28 -20.06
C ALA E 115 -2.14 5.39 -21.25
N ARG E 116 -1.14 4.67 -21.75
CA ARG E 116 -1.34 3.68 -22.80
C ARG E 116 -1.22 2.28 -22.21
N ILE E 117 -1.98 1.34 -22.77
CA ILE E 117 -2.04 -0.03 -22.28
C ILE E 117 -1.30 -0.99 -23.19
N VAL E 118 -0.46 -1.84 -22.59
CA VAL E 118 0.22 -2.93 -23.28
C VAL E 118 -0.44 -4.23 -22.82
N HIS E 119 -0.92 -5.03 -23.76
CA HIS E 119 -1.79 -6.15 -23.41
C HIS E 119 -1.74 -7.29 -24.42
N ARG E 120 -2.40 -8.39 -24.06
CA ARG E 120 -2.82 -9.39 -25.05
C ARG E 120 -4.20 -9.94 -24.67
N ASP E 121 -5.17 -9.05 -24.77
CA ASP E 121 -6.56 -9.36 -24.50
C ASP E 121 -7.42 -8.58 -25.51
N ALA E 122 -8.25 -9.30 -26.25
CA ALA E 122 -9.09 -8.77 -27.29
C ALA E 122 -10.00 -7.68 -26.77
N ASP E 123 -10.27 -7.66 -25.46
CA ASP E 123 -11.15 -6.65 -24.89
C ASP E 123 -10.58 -5.28 -25.19
N PHE E 124 -9.27 -5.10 -25.07
CA PHE E 124 -8.68 -3.80 -25.31
C PHE E 124 -8.68 -3.39 -26.73
N ASP E 125 -8.61 -4.35 -27.61
CA ASP E 125 -8.80 -4.16 -29.09
C ASP E 125 -10.21 -3.62 -29.33
N VAL E 126 -11.20 -4.19 -28.68
CA VAL E 126 -12.57 -3.77 -28.83
C VAL E 126 -12.70 -2.30 -28.32
N ILE E 127 -12.13 -2.08 -27.16
CA ILE E 127 -12.33 -0.80 -26.48
C ILE E 127 -11.65 0.30 -27.25
N ALA E 128 -10.49 0.08 -27.86
CA ALA E 128 -9.86 1.08 -28.67
C ALA E 128 -10.67 1.44 -29.89
N ARG E 129 -11.58 0.59 -30.35
CA ARG E 129 -12.44 0.90 -31.46
C ARG E 129 -13.65 1.75 -31.09
N ILE E 130 -13.95 1.90 -29.80
CA ILE E 130 -15.11 2.72 -29.37
C ILE E 130 -14.75 3.86 -28.40
N THR E 131 -13.46 4.09 -28.22
CA THR E 131 -12.93 5.17 -27.40
C THR E 131 -11.62 5.63 -28.02
N ASN E 132 -10.95 6.59 -27.39
CA ASN E 132 -9.61 6.97 -27.79
C ASN E 132 -8.53 6.32 -26.92
N LEU E 133 -8.83 5.12 -26.39
CA LEU E 133 -7.86 4.33 -25.63
C LEU E 133 -6.62 4.05 -26.47
N GLN E 134 -5.46 4.34 -25.89
CA GLN E 134 -4.19 4.02 -26.52
CA GLN E 134 -4.18 4.03 -26.51
C GLN E 134 -3.77 2.63 -26.05
N ALA E 135 -3.92 1.65 -26.94
CA ALA E 135 -3.64 0.27 -26.60
C ALA E 135 -2.75 -0.36 -27.66
N ALA E 136 -1.82 -1.18 -27.21
CA ALA E 136 -0.93 -1.92 -28.10
C ALA E 136 -1.04 -3.38 -27.75
N SER E 137 -1.47 -4.18 -28.71
CA SER E 137 -1.69 -5.60 -28.51
C SER E 137 -0.42 -6.39 -28.84
N PHE E 138 -0.09 -7.35 -27.99
CA PHE E 138 1.01 -8.28 -28.24
C PHE E 138 0.50 -9.72 -28.13
N ARG E 139 -0.55 -10.02 -28.89
CA ARG E 139 -1.18 -11.35 -28.87
C ARG E 139 -0.67 -12.24 -29.99
N SER F 1 19.52 22.63 -19.23
CA SER F 1 20.17 23.88 -19.71
C SER F 1 21.46 24.15 -18.94
N ARG F 2 22.24 25.11 -19.44
CA ARG F 2 23.57 25.38 -18.89
C ARG F 2 23.51 26.25 -17.64
N THR F 3 24.42 25.95 -16.71
CA THR F 3 24.50 26.67 -15.45
C THR F 3 25.92 26.52 -14.91
N ASN F 4 26.31 27.42 -14.02
CA ASN F 4 27.60 27.35 -13.35
C ASN F 4 27.36 26.93 -11.90
N ILE F 5 27.88 25.77 -11.51
CA ILE F 5 27.73 25.28 -10.15
C ILE F 5 29.00 24.63 -9.63
N ASP F 6 29.12 24.59 -8.30
CA ASP F 6 30.17 23.84 -7.66
C ASP F 6 29.81 22.36 -7.66
N ILE F 7 30.75 21.53 -8.09
CA ILE F 7 30.61 20.08 -7.99
C ILE F 7 31.88 19.56 -7.33
N ASP F 8 31.71 18.73 -6.30
CA ASP F 8 32.85 18.16 -5.60
C ASP F 8 33.66 17.35 -6.61
N ASP F 9 34.89 17.77 -6.84
CA ASP F 9 35.64 17.20 -7.97
C ASP F 9 35.80 15.70 -7.74
N GLU F 10 36.22 15.39 -6.51
CA GLU F 10 36.62 14.03 -6.14
C GLU F 10 35.44 13.08 -6.32
N LEU F 11 34.27 13.51 -5.86
CA LEU F 11 33.05 12.73 -5.96
C LEU F 11 32.74 12.40 -7.44
N ALA F 12 32.85 13.46 -8.25
CA ALA F 12 32.60 13.33 -9.68
C ALA F 12 33.53 12.30 -10.30
N ALA F 13 34.80 12.42 -9.93
CA ALA F 13 35.85 11.52 -10.41
C ALA F 13 35.53 10.09 -10.07
N GLU F 14 35.10 9.89 -8.83
CA GLU F 14 34.72 8.57 -8.30
C GLU F 14 33.58 7.98 -9.14
N VAL F 15 32.57 8.82 -9.41
CA VAL F 15 31.44 8.38 -10.19
C VAL F 15 31.90 7.94 -11.58
N MET F 16 32.77 8.76 -12.17
CA MET F 16 33.28 8.49 -13.50
C MET F 16 34.03 7.14 -13.52
N ARG F 17 34.82 6.90 -12.48
CA ARG F 17 35.60 5.70 -12.41
C ARG F 17 34.68 4.48 -12.26
N ARG F 18 33.63 4.63 -11.46
CA ARG F 18 32.83 3.47 -11.12
C ARG F 18 31.85 3.15 -12.17
N PHE F 19 31.38 4.12 -12.94
CA PHE F 19 30.41 3.80 -13.97
C PHE F 19 31.01 3.89 -15.38
N GLY F 20 32.32 4.08 -15.46
CA GLY F 20 33.02 4.11 -16.73
C GLY F 20 32.53 5.21 -17.65
N LEU F 21 32.32 6.40 -17.10
CA LEU F 21 31.92 7.55 -17.90
C LEU F 21 33.13 8.46 -18.08
N THR F 22 33.10 9.27 -19.14
CA THR F 22 34.25 10.09 -19.53
C THR F 22 34.13 11.55 -19.13
N THR F 23 32.92 11.99 -18.80
CA THR F 23 32.67 13.41 -18.54
C THR F 23 31.87 13.64 -17.25
N LYS F 24 32.07 14.81 -16.66
CA LYS F 24 31.32 15.21 -15.47
C LYS F 24 29.84 15.29 -15.78
N ARG F 25 29.52 15.81 -16.97
CA ARG F 25 28.13 16.00 -17.37
C ARG F 25 27.41 14.67 -17.36
N ALA F 26 28.04 13.66 -17.94
CA ALA F 26 27.45 12.33 -18.02
C ALA F 26 27.20 11.75 -16.62
N ALA F 27 28.19 11.97 -15.76
CA ALA F 27 28.16 11.49 -14.38
C ALA F 27 26.96 12.09 -13.65
N VAL F 28 26.84 13.40 -13.80
CA VAL F 28 25.78 14.14 -13.10
C VAL F 28 24.45 13.67 -13.64
N ASP F 29 24.36 13.46 -14.94
CA ASP F 29 23.04 13.09 -15.52
C ASP F 29 22.67 11.73 -15.03
N LEU F 30 23.59 10.80 -15.00
CA LEU F 30 23.29 9.44 -14.54
C LEU F 30 22.87 9.49 -13.09
N ALA F 31 23.56 10.32 -12.28
CA ALA F 31 23.20 10.37 -10.86
C ALA F 31 21.78 10.90 -10.74
N LEU F 32 21.43 11.93 -11.50
CA LEU F 32 20.11 12.51 -11.37
C LEU F 32 19.05 11.48 -11.84
N ARG F 33 19.38 10.72 -12.86
CA ARG F 33 18.38 9.79 -13.38
C ARG F 33 18.18 8.67 -12.39
N ARG F 34 19.23 8.20 -11.77
CA ARG F 34 19.08 7.11 -10.78
C ARG F 34 18.30 7.65 -9.59
N LEU F 35 18.58 8.90 -9.21
CA LEU F 35 17.87 9.44 -8.03
C LEU F 35 16.37 9.47 -8.16
N VAL F 36 15.86 9.78 -9.33
CA VAL F 36 14.40 9.87 -9.54
C VAL F 36 13.80 8.65 -10.27
N GLY F 37 14.61 7.62 -10.48
CA GLY F 37 14.16 6.43 -11.20
C GLY F 37 13.33 5.52 -10.31
N SER F 38 12.99 4.34 -10.84
CA SER F 38 12.15 3.42 -10.12
C SER F 38 12.82 2.95 -8.84
N PRO F 39 12.05 2.81 -7.75
CA PRO F 39 12.61 2.15 -6.56
C PRO F 39 12.89 0.66 -6.77
N LEU F 40 12.36 0.09 -7.84
CA LEU F 40 12.61 -1.32 -8.18
C LEU F 40 13.80 -1.41 -9.12
N SER F 41 14.84 -2.13 -8.70
CA SER F 41 16.07 -2.22 -9.46
C SER F 41 15.84 -3.02 -10.73
N ARG F 42 16.72 -2.77 -11.71
CA ARG F 42 16.69 -3.55 -12.95
C ARG F 42 16.80 -5.04 -12.62
N GLU F 43 17.65 -5.37 -11.66
CA GLU F 43 17.92 -6.75 -11.32
C GLU F 43 16.65 -7.42 -10.80
N PHE F 44 15.92 -6.72 -9.95
CA PHE F 44 14.71 -7.28 -9.38
C PHE F 44 13.65 -7.46 -10.50
N LEU F 45 13.61 -6.48 -11.38
CA LEU F 45 12.56 -6.45 -12.39
C LEU F 45 12.80 -7.59 -13.40
N LEU F 46 14.01 -7.78 -13.80
CA LEU F 46 14.32 -8.86 -14.73
C LEU F 46 14.26 -10.20 -14.05
N GLY F 47 14.51 -10.28 -12.76
CA GLY F 47 14.40 -11.49 -11.98
C GLY F 47 12.99 -11.99 -11.89
N LEU F 48 12.00 -11.15 -12.15
CA LEU F 48 10.60 -11.56 -12.14
C LEU F 48 10.22 -12.45 -13.33
N GLU F 49 11.01 -12.45 -14.39
CA GLU F 49 10.72 -13.34 -15.51
C GLU F 49 10.88 -14.79 -15.07
N GLY F 50 9.77 -15.53 -15.06
CA GLY F 50 9.77 -16.93 -14.63
C GLY F 50 9.57 -17.13 -13.14
N VAL F 51 9.20 -16.07 -12.42
CA VAL F 51 8.88 -16.20 -10.99
C VAL F 51 7.73 -17.18 -10.76
N GLY F 52 6.82 -17.22 -11.72
CA GLY F 52 5.64 -18.09 -11.64
C GLY F 52 4.37 -17.30 -11.34
N TRP F 53 3.24 -17.92 -11.61
CA TRP F 53 1.93 -17.34 -11.28
C TRP F 53 0.94 -18.49 -11.32
N GLU F 54 0.26 -18.73 -10.20
CA GLU F 54 -0.53 -19.94 -10.01
C GLU F 54 -1.99 -19.80 -10.42
N GLY F 55 -2.40 -18.59 -10.81
CA GLY F 55 -3.80 -18.30 -11.09
C GLY F 55 -4.25 -18.73 -12.47
N ASP F 56 -5.50 -18.43 -12.79
CA ASP F 56 -6.06 -18.68 -14.10
C ASP F 56 -6.77 -17.39 -14.51
N LEU F 57 -6.17 -16.66 -15.45
CA LEU F 57 -6.73 -15.37 -15.82
C LEU F 57 -8.11 -15.51 -16.46
N ASP F 58 -8.38 -16.66 -17.08
CA ASP F 58 -9.71 -16.94 -17.63
C ASP F 58 -10.79 -16.94 -16.55
N ASP F 59 -10.48 -17.48 -15.37
CA ASP F 59 -11.44 -17.48 -14.26
C ASP F 59 -11.68 -16.06 -13.72
N LEU F 60 -10.62 -15.28 -13.62
CA LEU F 60 -10.74 -13.89 -13.15
C LEU F 60 -11.52 -13.01 -14.12
N ARG F 61 -11.43 -13.31 -15.42
CA ARG F 61 -12.03 -12.48 -16.46
C ARG F 61 -13.19 -13.12 -17.22
N SER F 62 -13.46 -14.41 -17.00
CA SER F 62 -14.41 -15.19 -17.80
C SER F 62 -14.02 -15.22 -19.29
N HIS G 2 -24.79 6.82 16.43
CA HIS G 2 -25.89 5.85 16.71
C HIS G 2 -26.71 5.49 15.46
N HIS G 3 -26.12 5.61 14.27
CA HIS G 3 -26.81 5.29 13.02
C HIS G 3 -26.70 3.79 12.73
N HIS G 4 -27.78 3.22 12.20
CA HIS G 4 -27.87 1.76 11.99
C HIS G 4 -27.10 1.35 10.73
N ALA G 5 -26.89 0.05 10.58
CA ALA G 5 -26.10 -0.50 9.48
C ALA G 5 -26.80 -0.36 8.13
N SER G 6 -26.07 0.17 7.15
CA SER G 6 -26.59 0.28 5.80
C SER G 6 -26.81 -1.11 5.22
N ILE G 7 -27.74 -1.20 4.29
CA ILE G 7 -28.06 -2.45 3.61
C ILE G 7 -27.69 -2.27 2.15
N LEU G 8 -26.69 -3.03 1.72
CA LEU G 8 -26.26 -3.04 0.35
C LEU G 8 -26.99 -4.17 -0.39
N ILE G 9 -27.89 -3.81 -1.30
CA ILE G 9 -28.59 -4.80 -2.09
C ILE G 9 -27.71 -5.16 -3.29
N ASP G 10 -27.38 -6.44 -3.42
CA ASP G 10 -26.51 -6.90 -4.51
C ASP G 10 -27.25 -6.86 -5.83
N THR G 11 -26.48 -6.81 -6.91
CA THR G 11 -27.01 -6.82 -8.26
C THR G 11 -27.92 -8.03 -8.49
N SER G 12 -27.58 -9.14 -7.85
CA SER G 12 -28.29 -10.40 -8.04
C SER G 12 -29.76 -10.28 -7.61
N ALA G 13 -29.98 -9.66 -6.46
CA ALA G 13 -31.30 -9.40 -5.94
C ALA G 13 -32.05 -8.28 -6.72
N TRP G 14 -31.28 -7.28 -7.11
CA TRP G 14 -31.77 -6.16 -7.87
C TRP G 14 -32.43 -6.64 -9.17
N VAL G 15 -31.70 -7.47 -9.91
CA VAL G 15 -32.15 -7.94 -11.18
C VAL G 15 -33.52 -8.62 -11.08
N GLU G 16 -33.71 -9.46 -10.05
CA GLU G 16 -34.97 -10.10 -9.86
C GLU G 16 -36.13 -9.11 -9.75
N TYR G 17 -35.86 -8.10 -8.92
CA TYR G 17 -36.81 -7.01 -8.67
C TYR G 17 -37.17 -6.28 -9.98
N PHE G 18 -36.13 -6.02 -10.75
CA PHE G 18 -36.25 -5.33 -12.02
C PHE G 18 -37.14 -6.11 -12.97
N ARG G 19 -36.92 -7.45 -13.00
CA ARG G 19 -37.64 -8.31 -13.91
C ARG G 19 -39.06 -8.70 -13.45
N ALA G 20 -39.38 -8.38 -12.20
CA ALA G 20 -40.63 -8.77 -11.57
C ALA G 20 -40.80 -10.30 -11.63
N THR G 21 -39.75 -11.01 -11.25
CA THR G 21 -39.77 -12.48 -11.26
C THR G 21 -40.71 -13.05 -10.20
N GLY G 22 -40.92 -12.31 -9.12
CA GLY G 22 -41.76 -12.75 -8.01
C GLY G 22 -41.06 -13.70 -7.07
N SER G 23 -39.75 -13.87 -7.25
CA SER G 23 -38.97 -14.75 -6.40
C SER G 23 -38.84 -14.11 -5.03
N ILE G 24 -38.37 -14.89 -4.07
CA ILE G 24 -38.22 -14.41 -2.72
C ILE G 24 -37.29 -13.22 -2.75
N ALA G 25 -36.36 -13.20 -3.71
CA ALA G 25 -35.40 -12.08 -3.73
C ALA G 25 -36.13 -10.77 -4.08
N ALA G 26 -36.95 -10.85 -5.12
CA ALA G 26 -37.71 -9.71 -5.59
C ALA G 26 -38.64 -9.19 -4.49
N VAL G 27 -39.30 -10.12 -3.81
CA VAL G 27 -40.21 -9.77 -2.74
C VAL G 27 -39.46 -9.07 -1.59
N GLU G 28 -38.30 -9.61 -1.28
CA GLU G 28 -37.46 -9.06 -0.22
C GLU G 28 -37.02 -7.64 -0.54
N VAL G 29 -36.61 -7.45 -1.78
CA VAL G 29 -36.20 -6.12 -2.25
C VAL G 29 -37.36 -5.15 -2.16
N ARG G 30 -38.55 -5.61 -2.55
CA ARG G 30 -39.76 -4.78 -2.46
C ARG G 30 -40.01 -4.34 -1.01
N ARG G 31 -39.89 -5.30 -0.12
CA ARG G 31 -40.06 -5.08 1.31
C ARG G 31 -39.09 -4.01 1.82
N LEU G 32 -37.84 -4.17 1.40
CA LEU G 32 -36.77 -3.25 1.76
C LEU G 32 -37.12 -1.83 1.30
N LEU G 33 -37.60 -1.73 0.04
CA LEU G 33 -37.96 -0.47 -0.54
C LEU G 33 -39.14 0.20 0.16
N SER G 34 -40.05 -0.63 0.64
CA SER G 34 -41.26 -0.13 1.31
C SER G 34 -41.04 0.26 2.75
N GLU G 35 -40.32 -0.59 3.48
CA GLU G 35 -40.20 -0.51 4.93
C GLU G 35 -38.87 0.05 5.44
N GLU G 36 -37.79 -0.11 4.68
CA GLU G 36 -36.45 0.28 5.15
C GLU G 36 -35.66 1.08 4.12
N ALA G 37 -36.37 1.90 3.33
CA ALA G 37 -35.75 2.66 2.24
C ALA G 37 -34.56 3.51 2.70
N ALA G 38 -34.67 4.11 3.88
CA ALA G 38 -33.64 4.99 4.42
C ALA G 38 -32.29 4.30 4.66
N ARG G 39 -32.30 2.98 4.86
CA ARG G 39 -31.08 2.22 5.14
C ARG G 39 -30.40 1.64 3.90
N ILE G 40 -31.04 1.77 2.74
CA ILE G 40 -30.52 1.15 1.52
C ILE G 40 -29.37 1.96 0.95
N ALA G 41 -28.30 1.27 0.58
CA ALA G 41 -27.13 1.90 -0.01
C ALA G 41 -26.77 1.24 -1.32
N MET G 42 -26.00 1.97 -2.11
CA MET G 42 -25.49 1.53 -3.41
C MET G 42 -23.97 1.63 -3.33
N CYS G 43 -23.28 0.90 -4.18
CA CYS G 43 -21.85 1.16 -4.37
C CYS G 43 -21.59 1.15 -5.86
N GLU G 44 -20.42 1.64 -6.23
CA GLU G 44 -20.15 1.86 -7.63
C GLU G 44 -19.94 0.59 -8.45
N PRO G 45 -19.38 -0.49 -7.87
CA PRO G 45 -19.27 -1.71 -8.63
C PRO G 45 -20.66 -2.28 -8.98
N ILE G 46 -21.57 -2.23 -8.02
CA ILE G 46 -22.93 -2.68 -8.26
C ILE G 46 -23.61 -1.84 -9.35
N ALA G 47 -23.38 -0.53 -9.25
CA ALA G 47 -23.94 0.45 -10.17
C ALA G 47 -23.51 0.16 -11.59
N MET G 48 -22.21 -0.11 -11.74
CA MET G 48 -21.60 -0.43 -13.03
C MET G 48 -22.26 -1.66 -13.62
N GLU G 49 -22.47 -2.68 -12.79
CA GLU G 49 -23.11 -3.91 -13.23
C GLU G 49 -24.54 -3.65 -13.72
N ILE G 50 -25.23 -2.84 -12.95
CA ILE G 50 -26.65 -2.57 -13.18
C ILE G 50 -26.79 -1.81 -14.51
N LEU G 51 -26.00 -0.81 -14.67
CA LEU G 51 -26.09 0.00 -15.89
C LEU G 51 -25.62 -0.81 -17.08
N SER G 52 -24.65 -1.72 -16.91
CA SER G 52 -24.13 -2.46 -18.01
C SER G 52 -25.14 -3.41 -18.62
N GLY G 53 -26.05 -3.98 -17.81
CA GLY G 53 -27.12 -4.79 -18.29
C GLY G 53 -28.33 -3.98 -18.63
N ALA G 54 -28.30 -2.66 -18.72
CA ALA G 54 -29.47 -1.90 -19.16
C ALA G 54 -29.41 -1.67 -20.67
N LEU G 55 -30.11 -2.50 -21.44
CA LEU G 55 -30.07 -2.43 -22.91
C LEU G 55 -30.88 -1.25 -23.46
N ASP G 56 -32.14 -1.17 -23.05
CA ASP G 56 -33.02 -0.08 -23.47
C ASP G 56 -32.55 1.25 -22.86
N ASP G 57 -32.61 2.32 -23.66
CA ASP G 57 -32.00 3.59 -23.25
C ASP G 57 -32.84 4.29 -22.18
N ASN G 58 -34.16 4.23 -22.31
CA ASN G 58 -35.03 4.78 -21.30
C ASN G 58 -34.85 4.06 -19.96
N THR G 59 -34.77 2.74 -20.03
CA THR G 59 -34.54 1.90 -18.86
C THR G 59 -33.23 2.27 -18.19
N HIS G 60 -32.20 2.45 -19.02
CA HIS G 60 -30.87 2.85 -18.55
C HIS G 60 -30.94 4.19 -17.79
N THR G 61 -31.65 5.12 -18.38
CA THR G 61 -31.86 6.44 -17.80
C THR G 61 -32.49 6.32 -16.41
N THR G 62 -33.55 5.49 -16.36
CA THR G 62 -34.30 5.24 -15.14
C THR G 62 -33.35 4.69 -14.05
N LEU G 63 -32.52 3.72 -14.46
CA LEU G 63 -31.65 3.06 -13.53
C LEU G 63 -30.53 3.96 -13.03
N GLU G 64 -30.14 4.87 -13.89
CA GLU G 64 -29.14 5.91 -13.50
C GLU G 64 -29.73 6.75 -12.41
N ARG G 65 -31.00 7.13 -12.51
CA ARG G 65 -31.66 7.90 -11.45
C ARG G 65 -31.59 7.17 -10.10
N LEU G 66 -31.86 5.86 -10.13
CA LEU G 66 -31.80 5.03 -8.96
C LEU G 66 -30.35 5.03 -8.35
N VAL G 67 -29.39 4.84 -9.24
CA VAL G 67 -28.04 4.67 -8.79
C VAL G 67 -27.48 5.98 -8.26
N ASN G 68 -27.84 7.12 -8.82
CA ASN G 68 -27.39 8.39 -8.30
C ASN G 68 -28.27 8.81 -7.16
N GLY G 69 -29.45 8.23 -7.01
CA GLY G 69 -30.35 8.63 -5.93
C GLY G 69 -30.05 8.02 -4.58
N LEU G 70 -29.40 6.86 -4.57
CA LEU G 70 -29.12 6.16 -3.33
C LEU G 70 -27.82 6.68 -2.68
N PRO G 71 -27.75 6.63 -1.34
CA PRO G 71 -26.48 6.90 -0.67
C PRO G 71 -25.43 5.92 -1.15
N SER G 72 -24.19 6.39 -1.30
CA SER G 72 -23.13 5.57 -1.87
C SER G 72 -22.08 5.18 -0.83
N LEU G 73 -21.67 3.91 -0.87
CA LEU G 73 -20.53 3.42 -0.11
C LEU G 73 -19.35 3.41 -1.08
N ASN G 74 -18.36 4.26 -0.84
CA ASN G 74 -17.29 4.49 -1.81
C ASN G 74 -16.31 3.31 -1.90
N VAL G 75 -15.69 3.17 -3.06
CA VAL G 75 -14.50 2.33 -3.23
C VAL G 75 -13.29 3.21 -2.96
N ASP G 76 -12.42 2.75 -2.06
CA ASP G 76 -11.18 3.46 -1.75
C ASP G 76 -10.03 2.57 -2.22
N ASP G 77 -9.34 2.96 -3.29
CA ASP G 77 -8.32 2.07 -3.86
C ASP G 77 -7.03 1.98 -3.05
N ALA G 78 -6.94 2.72 -1.94
CA ALA G 78 -5.85 2.50 -0.99
C ALA G 78 -6.05 1.22 -0.17
N ILE G 79 -7.22 0.59 -0.26
CA ILE G 79 -7.62 -0.46 0.65
C ILE G 79 -8.33 -1.65 -0.06
N ASP G 80 -9.35 -1.35 -0.86
CA ASP G 80 -10.42 -2.29 -1.13
C ASP G 80 -9.97 -3.33 -2.12
N PHE G 81 -9.10 -2.97 -3.07
CA PHE G 81 -8.70 -3.95 -4.07
C PHE G 81 -7.80 -5.03 -3.46
N ARG G 82 -6.87 -4.59 -2.60
CA ARG G 82 -6.02 -5.52 -1.89
C ARG G 82 -6.87 -6.43 -1.00
N ALA G 83 -7.88 -5.84 -0.33
CA ALA G 83 -8.72 -6.63 0.53
C ALA G 83 -9.49 -7.69 -0.28
N ALA G 84 -9.96 -7.31 -1.44
CA ALA G 84 -10.68 -8.24 -2.30
C ALA G 84 -9.78 -9.36 -2.74
N ALA G 85 -8.53 -9.02 -3.08
CA ALA G 85 -7.56 -10.03 -3.48
C ALA G 85 -7.35 -11.04 -2.35
N GLY G 86 -7.21 -10.49 -1.15
CA GLY G 86 -7.01 -11.29 0.06
C GLY G 86 -8.16 -12.26 0.26
N ILE G 87 -9.37 -11.74 0.09
CA ILE G 87 -10.60 -12.52 0.22
C ILE G 87 -10.62 -13.69 -0.80
N TYR G 88 -10.24 -13.35 -2.01
CA TYR G 88 -10.24 -14.28 -3.12
C TYR G 88 -9.29 -15.44 -2.86
N ARG G 89 -8.10 -15.06 -2.47
CA ARG G 89 -7.04 -16.05 -2.18
C ARG G 89 -7.50 -16.93 -1.04
N ALA G 90 -8.11 -16.33 -0.02
CA ALA G 90 -8.60 -17.13 1.12
C ALA G 90 -9.61 -18.15 0.67
N ALA G 91 -10.52 -17.71 -0.19
CA ALA G 91 -11.56 -18.57 -0.75
C ALA G 91 -10.94 -19.76 -1.49
N ARG G 92 -9.94 -19.42 -2.30
CA ARG G 92 -9.24 -20.42 -3.11
C ARG G 92 -8.58 -21.47 -2.19
N ARG G 93 -7.93 -20.98 -1.16
CA ARG G 93 -7.24 -21.87 -0.24
C ARG G 93 -8.23 -22.72 0.52
N ALA G 94 -9.42 -22.21 0.86
CA ALA G 94 -10.47 -23.00 1.45
C ALA G 94 -11.04 -24.12 0.53
N GLY G 95 -10.63 -24.16 -0.74
CA GLY G 95 -11.22 -25.09 -1.70
C GLY G 95 -12.56 -24.61 -2.23
N GLU G 96 -12.88 -23.33 -2.01
CA GLU G 96 -14.14 -22.76 -2.46
C GLU G 96 -13.97 -22.18 -3.86
N THR G 97 -15.10 -22.03 -4.55
CA THR G 97 -15.10 -21.40 -5.88
C THR G 97 -15.76 -20.03 -5.79
N VAL G 98 -15.19 -19.06 -6.51
CA VAL G 98 -15.70 -17.69 -6.55
C VAL G 98 -15.90 -17.31 -8.01
N ARG G 99 -17.15 -17.10 -8.40
CA ARG G 99 -17.46 -16.82 -9.79
C ARG G 99 -17.08 -15.40 -10.25
N SER G 100 -17.14 -14.41 -9.36
CA SER G 100 -16.79 -13.03 -9.72
C SER G 100 -15.89 -12.35 -8.68
N ILE G 101 -14.70 -11.93 -9.10
CA ILE G 101 -13.81 -11.17 -8.26
C ILE G 101 -14.41 -9.85 -7.84
N ASN G 102 -15.36 -9.31 -8.58
CA ASN G 102 -16.06 -8.11 -8.15
C ASN G 102 -17.00 -8.37 -7.00
N ASP G 103 -17.44 -9.61 -6.77
CA ASP G 103 -18.14 -9.91 -5.53
C ASP G 103 -17.22 -9.84 -4.33
N CYS G 104 -15.97 -10.19 -4.50
CA CYS G 104 -14.98 -10.02 -3.41
C CYS G 104 -14.76 -8.54 -3.16
N LEU G 105 -14.73 -7.72 -4.15
CA LEU G 105 -14.58 -6.28 -4.01
C LEU G 105 -15.77 -5.67 -3.25
N ILE G 106 -16.95 -6.09 -3.65
CA ILE G 106 -18.18 -5.62 -3.03
C ILE G 106 -18.18 -6.01 -1.54
N ALA G 107 -17.82 -7.25 -1.27
CA ALA G 107 -17.80 -7.70 0.12
C ALA G 107 -16.76 -6.96 0.94
N ALA G 108 -15.64 -6.68 0.33
CA ALA G 108 -14.54 -5.95 0.96
C ALA G 108 -15.05 -4.55 1.37
N LEU G 109 -15.72 -3.90 0.43
CA LEU G 109 -16.20 -2.55 0.70
C LEU G 109 -17.30 -2.58 1.79
N ALA G 110 -18.12 -3.60 1.75
CA ALA G 110 -19.18 -3.75 2.73
C ALA G 110 -18.62 -3.90 4.14
N ILE G 111 -17.62 -4.75 4.24
CA ILE G 111 -16.96 -5.00 5.53
C ILE G 111 -16.33 -3.70 6.05
N ARG G 112 -15.70 -2.96 5.14
CA ARG G 112 -15.06 -1.71 5.49
C ARG G 112 -16.12 -0.74 6.06
N HIS G 113 -17.28 -0.68 5.39
CA HIS G 113 -18.26 0.33 5.71
C HIS G 113 -19.18 -0.04 6.85
N GLY G 114 -19.11 -1.31 7.26
CA GLY G 114 -20.04 -1.89 8.23
C GLY G 114 -21.43 -2.16 7.66
N ALA G 115 -21.52 -2.41 6.36
CA ALA G 115 -22.80 -2.67 5.69
C ALA G 115 -23.07 -4.16 5.59
N ARG G 116 -24.34 -4.55 5.59
CA ARG G 116 -24.71 -5.93 5.35
C ARG G 116 -25.22 -6.04 3.92
N ILE G 117 -25.08 -7.24 3.34
CA ILE G 117 -25.46 -7.47 1.95
C ILE G 117 -26.68 -8.38 1.85
N VAL G 118 -27.63 -7.96 1.01
CA VAL G 118 -28.80 -8.78 0.64
C VAL G 118 -28.57 -9.24 -0.79
N HIS G 119 -28.63 -10.55 -1.03
CA HIS G 119 -28.18 -11.11 -2.29
C HIS G 119 -28.85 -12.45 -2.63
N ARG G 120 -28.56 -12.95 -3.82
CA ARG G 120 -28.83 -14.35 -4.17
C ARG G 120 -27.71 -14.87 -5.09
N ASP G 121 -26.50 -14.85 -4.56
CA ASP G 121 -25.30 -15.30 -5.26
C ASP G 121 -24.43 -16.05 -4.25
N ALA G 122 -24.09 -17.30 -4.56
CA ALA G 122 -23.33 -18.17 -3.72
C ALA G 122 -21.99 -17.60 -3.33
N ASP G 123 -21.48 -16.63 -4.09
CA ASP G 123 -20.20 -16.00 -3.78
C ASP G 123 -20.25 -15.39 -2.40
N PHE G 124 -21.34 -14.67 -2.08
CA PHE G 124 -21.49 -14.04 -0.81
C PHE G 124 -21.63 -15.02 0.32
N ASP G 125 -22.21 -16.16 0.08
CA ASP G 125 -22.26 -17.27 1.05
C ASP G 125 -20.83 -17.75 1.36
N VAL G 126 -20.02 -17.95 0.32
CA VAL G 126 -18.67 -18.34 0.48
C VAL G 126 -17.92 -17.30 1.35
N ILE G 127 -18.10 -16.04 0.98
CA ILE G 127 -17.32 -14.99 1.60
C ILE G 127 -17.74 -14.89 3.07
N ALA G 128 -19.00 -15.04 3.41
CA ALA G 128 -19.39 -14.97 4.80
C ALA G 128 -18.85 -16.13 5.58
N ARG G 129 -18.60 -17.27 5.01
CA ARG G 129 -17.94 -18.38 5.66
C ARG G 129 -16.50 -18.07 6.06
N ILE G 130 -15.77 -17.26 5.30
CA ILE G 130 -14.34 -17.00 5.58
C ILE G 130 -14.00 -15.57 6.04
N THR G 131 -15.00 -14.70 6.13
CA THR G 131 -14.84 -13.34 6.65
C THR G 131 -15.97 -13.06 7.64
N ASN G 132 -15.98 -11.87 8.22
CA ASN G 132 -17.13 -11.48 9.05
C ASN G 132 -18.15 -10.64 8.26
N LEU G 133 -18.19 -10.82 6.94
CA LEU G 133 -19.25 -10.23 6.14
C LEU G 133 -20.62 -10.65 6.65
N GLN G 134 -21.52 -9.68 6.76
CA GLN G 134 -22.91 -9.96 7.09
C GLN G 134 -23.68 -10.03 5.78
N ALA G 135 -24.12 -11.24 5.44
CA ALA G 135 -24.82 -11.47 4.18
C ALA G 135 -26.07 -12.30 4.44
N ALA G 136 -27.15 -11.95 3.75
CA ALA G 136 -28.41 -12.66 3.86
C ALA G 136 -28.83 -13.11 2.47
N SER G 137 -28.89 -14.43 2.26
CA SER G 137 -29.24 -15.00 0.96
C SER G 137 -30.75 -15.12 0.82
N PHE G 138 -31.27 -14.69 -0.32
CA PHE G 138 -32.68 -14.87 -0.64
C PHE G 138 -32.78 -15.64 -1.96
N ARG G 139 -32.35 -16.88 -1.94
CA ARG G 139 -32.38 -17.73 -3.12
C ARG G 139 -33.20 -19.00 -2.87
N SER H 1 -34.76 26.96 0.98
CA SER H 1 -33.56 26.27 0.62
C SER H 1 -32.42 27.26 0.61
N ARG H 2 -32.73 28.54 0.36
CA ARG H 2 -31.70 29.55 0.45
C ARG H 2 -31.49 29.52 1.95
N THR H 3 -30.28 29.21 2.35
CA THR H 3 -30.00 28.94 3.73
C THR H 3 -28.79 29.63 4.22
N ASN H 4 -28.95 30.32 5.31
CA ASN H 4 -27.81 31.08 5.83
C ASN H 4 -27.18 30.30 6.98
N ILE H 5 -26.01 29.70 6.72
CA ILE H 5 -25.31 28.90 7.74
C ILE H 5 -23.80 29.09 7.70
N ASP H 6 -23.16 28.83 8.85
CA ASP H 6 -21.72 28.86 8.96
C ASP H 6 -21.16 27.55 8.40
N ILE H 7 -20.39 27.66 7.32
CA ILE H 7 -19.69 26.51 6.75
C ILE H 7 -18.19 26.74 6.88
N ASP H 8 -17.52 25.78 7.51
CA ASP H 8 -16.06 25.84 7.69
C ASP H 8 -15.39 26.00 6.32
N ASP H 9 -14.78 27.16 6.09
CA ASP H 9 -14.21 27.48 4.78
C ASP H 9 -13.08 26.51 4.46
N GLU H 10 -12.25 26.24 5.46
CA GLU H 10 -11.10 25.36 5.30
C GLU H 10 -11.57 23.99 4.83
N LEU H 11 -12.57 23.46 5.55
CA LEU H 11 -13.16 22.17 5.26
C LEU H 11 -13.71 22.09 3.83
N ALA H 12 -14.47 23.11 3.42
CA ALA H 12 -14.99 23.14 2.09
C ALA H 12 -13.87 23.17 1.08
N ALA H 13 -12.81 23.93 1.33
CA ALA H 13 -11.67 23.94 0.43
C ALA H 13 -10.87 22.62 0.44
N GLU H 14 -10.72 22.02 1.64
CA GLU H 14 -10.12 20.75 1.82
C GLU H 14 -10.74 19.62 1.04
N VAL H 15 -12.08 19.64 1.00
CA VAL H 15 -12.91 18.80 0.14
C VAL H 15 -12.71 19.18 -1.32
N MET H 16 -12.47 20.47 -1.60
CA MET H 16 -12.24 20.92 -2.96
C MET H 16 -10.88 20.43 -3.47
N ARG H 17 -9.94 20.24 -2.55
CA ARG H 17 -8.61 19.78 -2.89
C ARG H 17 -8.65 18.27 -3.21
N ARG H 18 -9.28 17.53 -2.30
CA ARG H 18 -9.34 16.10 -2.29
C ARG H 18 -10.14 15.52 -3.45
N PHE H 19 -11.25 16.17 -3.79
CA PHE H 19 -12.14 15.70 -4.86
C PHE H 19 -12.03 16.51 -6.15
N GLY H 20 -11.04 17.40 -6.21
CA GLY H 20 -10.86 18.23 -7.39
C GLY H 20 -12.09 19.05 -7.72
N LEU H 21 -12.73 19.58 -6.71
CA LEU H 21 -13.90 20.36 -6.95
C LEU H 21 -13.50 21.81 -7.05
N THR H 22 -14.27 22.58 -7.80
CA THR H 22 -13.98 23.99 -7.98
C THR H 22 -15.11 24.84 -7.45
N THR H 23 -15.71 24.44 -6.34
CA THR H 23 -16.76 25.20 -5.68
C THR H 23 -16.81 24.94 -4.18
N LYS H 24 -18.01 25.17 -3.65
CA LYS H 24 -18.43 24.93 -2.31
C LYS H 24 -19.79 24.30 -2.53
N ARG H 25 -20.53 24.80 -3.49
CA ARG H 25 -21.79 24.25 -3.91
C ARG H 25 -21.41 22.82 -4.30
N ALA H 26 -20.28 22.64 -4.95
CA ALA H 26 -19.90 21.29 -5.31
C ALA H 26 -19.60 20.40 -4.12
N ALA H 27 -18.86 20.92 -3.15
CA ALA H 27 -18.52 20.14 -1.99
C ALA H 27 -19.70 19.76 -1.13
N VAL H 28 -20.58 20.70 -0.87
CA VAL H 28 -21.75 20.46 -0.02
C VAL H 28 -22.70 19.45 -0.70
N ASP H 29 -22.91 19.67 -2.01
CA ASP H 29 -23.80 18.86 -2.78
C ASP H 29 -23.31 17.43 -2.67
N LEU H 30 -22.03 17.21 -2.98
CA LEU H 30 -21.45 15.87 -2.95
C LEU H 30 -21.66 15.29 -1.56
N ALA H 31 -21.21 16.06 -0.54
CA ALA H 31 -21.26 15.64 0.82
C ALA H 31 -22.65 15.08 1.16
N LEU H 32 -23.70 15.75 0.70
CA LEU H 32 -25.03 15.38 1.03
C LEU H 32 -25.48 14.17 0.19
N ARG H 33 -25.18 14.18 -1.07
CA ARG H 33 -25.58 13.11 -1.95
C ARG H 33 -25.00 11.77 -1.50
N ARG H 34 -23.72 11.79 -1.09
CA ARG H 34 -23.05 10.60 -0.65
C ARG H 34 -23.80 10.05 0.59
N LEU H 35 -24.22 10.92 1.53
CA LEU H 35 -24.61 10.46 2.81
C LEU H 35 -26.06 10.02 2.86
N VAL H 36 -26.94 10.72 2.16
CA VAL H 36 -28.37 10.39 2.14
C VAL H 36 -28.96 10.28 0.73
N GLY H 37 -28.12 10.42 -0.30
CA GLY H 37 -28.59 10.34 -1.68
C GLY H 37 -29.34 11.58 -2.13
N SER H 38 -30.17 11.38 -3.16
CA SER H 38 -31.07 12.40 -3.67
C SER H 38 -32.48 11.92 -3.39
N PRO H 39 -33.45 12.85 -3.36
CA PRO H 39 -34.84 12.44 -3.15
C PRO H 39 -35.29 11.34 -4.11
N LEU H 40 -35.48 10.13 -3.60
CA LEU H 40 -36.09 9.04 -4.34
C LEU H 40 -37.42 8.74 -3.68
N SER H 41 -38.50 9.15 -4.34
CA SER H 41 -39.84 8.96 -3.79
C SER H 41 -40.20 7.48 -3.72
N ARG H 42 -41.16 7.18 -2.85
CA ARG H 42 -41.58 5.80 -2.62
C ARG H 42 -42.17 5.23 -3.91
N GLU H 43 -42.95 6.04 -4.63
CA GLU H 43 -43.58 5.55 -5.84
C GLU H 43 -42.53 5.22 -6.89
N PHE H 44 -41.52 6.07 -7.02
CA PHE H 44 -40.43 5.77 -7.96
C PHE H 44 -39.85 4.37 -7.68
N LEU H 45 -39.41 4.17 -6.45
CA LEU H 45 -38.77 2.94 -6.06
C LEU H 45 -39.73 1.74 -6.27
N LEU H 46 -41.01 1.89 -5.92
CA LEU H 46 -41.89 0.77 -6.13
C LEU H 46 -42.13 0.50 -7.61
N GLY H 47 -42.16 1.54 -8.41
CA GLY H 47 -42.36 1.48 -9.83
C GLY H 47 -41.25 0.83 -10.62
N LEU H 48 -40.09 0.65 -10.01
CA LEU H 48 -38.97 -0.04 -10.65
C LEU H 48 -39.18 -1.54 -10.75
N GLU H 49 -40.08 -2.08 -9.95
CA GLU H 49 -40.41 -3.49 -10.06
C GLU H 49 -41.09 -3.75 -11.40
N GLY H 50 -40.42 -4.52 -12.25
CA GLY H 50 -40.92 -4.81 -13.60
C GLY H 50 -40.43 -3.86 -14.67
N VAL H 51 -39.50 -2.95 -14.33
CA VAL H 51 -38.96 -2.02 -15.31
C VAL H 51 -38.16 -2.73 -16.39
N GLY H 52 -37.64 -3.91 -16.05
CA GLY H 52 -36.92 -4.76 -17.00
C GLY H 52 -35.41 -4.62 -16.88
N TRP H 53 -34.71 -5.72 -17.13
CA TRP H 53 -33.25 -5.75 -17.17
C TRP H 53 -32.83 -6.85 -18.13
N GLU H 54 -32.52 -6.47 -19.36
CA GLU H 54 -32.34 -7.43 -20.45
C GLU H 54 -30.92 -7.95 -20.59
N GLY H 55 -29.99 -7.38 -19.82
CA GLY H 55 -28.61 -7.88 -19.81
C GLY H 55 -28.51 -9.27 -19.23
N ASP H 56 -27.30 -9.81 -19.25
CA ASP H 56 -27.03 -11.14 -18.73
C ASP H 56 -26.03 -10.99 -17.58
N LEU H 57 -26.48 -11.26 -16.35
CA LEU H 57 -25.61 -11.15 -15.18
C LEU H 57 -24.50 -12.21 -15.19
N ASP H 58 -24.74 -13.33 -15.86
CA ASP H 58 -23.72 -14.36 -16.05
C ASP H 58 -22.53 -13.86 -16.87
N ASP H 59 -22.77 -12.99 -17.86
CA ASP H 59 -21.68 -12.38 -18.63
C ASP H 59 -20.82 -11.48 -17.76
N LEU H 60 -21.46 -10.70 -16.90
CA LEU H 60 -20.76 -9.75 -16.03
C LEU H 60 -19.97 -10.47 -14.94
N ARG H 61 -20.49 -11.61 -14.49
CA ARG H 61 -19.89 -12.39 -13.41
C ARG H 61 -19.36 -13.73 -13.98
N SER H 62 -20.21 -14.75 -14.10
CA SER H 62 -19.81 -16.03 -14.73
C SER H 62 -20.95 -17.05 -14.73
#